data_1QPH
# 
_entry.id   1QPH 
# 
_audit_conform.dict_name       mmcif_pdbx.dic 
_audit_conform.dict_version    5.389 
_audit_conform.dict_location   http://mmcif.pdb.org/dictionaries/ascii/mmcif_pdbx.dic 
# 
loop_
_database_2.database_id 
_database_2.database_code 
_database_2.pdbx_database_accession 
_database_2.pdbx_DOI 
PDB   1QPH         pdb_00001qph 10.2210/pdb1qph/pdb 
NDB   AD0005       ?            ?                   
RCSB  RCSB009114   ?            ?                   
WWPDB D_1000009114 ?            ?                   
# 
loop_
_pdbx_audit_revision_history.ordinal 
_pdbx_audit_revision_history.data_content_type 
_pdbx_audit_revision_history.major_revision 
_pdbx_audit_revision_history.minor_revision 
_pdbx_audit_revision_history.revision_date 
1 'Structure model' 1 0 1999-05-27 
2 'Structure model' 1 1 2008-04-27 
3 'Structure model' 1 2 2011-07-13 
4 'Structure model' 1 3 2011-11-16 
5 'Structure model' 1 4 2017-10-04 
6 'Structure model' 1 5 2024-02-14 
7 'Structure model' 1 6 2024-04-03 
# 
_pdbx_audit_revision_details.ordinal             1 
_pdbx_audit_revision_details.revision_ordinal    1 
_pdbx_audit_revision_details.data_content_type   'Structure model' 
_pdbx_audit_revision_details.provider            repository 
_pdbx_audit_revision_details.type                'Initial release' 
_pdbx_audit_revision_details.description         ? 
_pdbx_audit_revision_details.details             ? 
# 
loop_
_pdbx_audit_revision_group.ordinal 
_pdbx_audit_revision_group.revision_ordinal 
_pdbx_audit_revision_group.data_content_type 
_pdbx_audit_revision_group.group 
1 2 'Structure model' 'Version format compliance' 
2 3 'Structure model' 'Version format compliance' 
3 4 'Structure model' 'Atomic model'              
4 5 'Structure model' 'Refinement description'    
5 6 'Structure model' 'Data collection'           
6 6 'Structure model' 'Database references'       
7 7 'Structure model' 'Refinement description'    
# 
loop_
_pdbx_audit_revision_category.ordinal 
_pdbx_audit_revision_category.revision_ordinal 
_pdbx_audit_revision_category.data_content_type 
_pdbx_audit_revision_category.category 
1 5 'Structure model' software                      
2 6 'Structure model' chem_comp_atom                
3 6 'Structure model' chem_comp_bond                
4 6 'Structure model' database_2                    
5 7 'Structure model' pdbx_initial_refinement_model 
# 
loop_
_pdbx_audit_revision_item.ordinal 
_pdbx_audit_revision_item.revision_ordinal 
_pdbx_audit_revision_item.data_content_type 
_pdbx_audit_revision_item.item 
1 5 'Structure model' '_software.classification'            
2 5 'Structure model' '_software.name'                      
3 6 'Structure model' '_database_2.pdbx_DOI'                
4 6 'Structure model' '_database_2.pdbx_database_accession' 
# 
_pdbx_database_status.status_code                     REL 
_pdbx_database_status.entry_id                        1QPH 
_pdbx_database_status.recvd_initial_deposition_date   1999-05-25 
_pdbx_database_status.deposit_site                    RCSB 
_pdbx_database_status.process_site                    RCSB 
_pdbx_database_status.SG_entry                        . 
_pdbx_database_status.pdb_format_compatible           Y 
_pdbx_database_status.status_code_mr                  ? 
_pdbx_database_status.status_code_sf                  ? 
_pdbx_database_status.status_code_cs                  ? 
_pdbx_database_status.methods_development_category    ? 
_pdbx_database_status.status_code_nmr_data            ? 
# 
_pdbx_database_related.db_name        NDB 
_pdbx_database_related.db_id          PDT042 
_pdbx_database_related.details        'SAME SEQUENCE IN COMPLEX WITH MAX PROTEIN' 
_pdbx_database_related.content_type   unspecified 
# 
loop_
_audit_author.name 
_audit_author.pdbx_ordinal 
'Raaijmakers, H.' 1 
'Suck, D.'        2 
'Mayer, C.'       3 
# 
_citation.id                        primary 
_citation.title                     'Crystal Structure Analysis of the A-DNA Dodecamer GACCACGTGGTC' 
_citation.journal_abbrev            'To be Published' 
_citation.journal_volume            ? 
_citation.page_first                ? 
_citation.page_last                 ? 
_citation.year                      ? 
_citation.journal_id_ASTM           ? 
_citation.country                   ? 
_citation.journal_id_ISSN           ? 
_citation.journal_id_CSD            0353 
_citation.book_publisher            ? 
_citation.pdbx_database_id_PubMed   ? 
_citation.pdbx_database_id_DOI      ? 
# 
loop_
_citation_author.citation_id 
_citation_author.name 
_citation_author.ordinal 
_citation_author.identifier_ORCID 
primary 'Raaijmakers, H.' 1 ? 
primary 'Suck, D.'        2 ? 
primary 'Mayer, C.'       3 ? 
# 
loop_
_entity.id 
_entity.type 
_entity.src_method 
_entity.pdbx_description 
_entity.formula_weight 
_entity.pdbx_number_of_molecules 
_entity.pdbx_ec 
_entity.pdbx_mutation 
_entity.pdbx_fragment 
_entity.details 
1 polymer syn "5'-D(P*GP*AP*CP*CP*AP*CP*GP*TP*GP*GP*TP*CP)-3'" 3663.392 1  ? ? ? ? 
2 water   nat water                                            18.015   45 ? ? ? ? 
# 
_entity_poly.entity_id                      1 
_entity_poly.type                           polydeoxyribonucleotide 
_entity_poly.nstd_linkage                   no 
_entity_poly.nstd_monomer                   no 
_entity_poly.pdbx_seq_one_letter_code       '(DG)(DA)(DC)(DC)(DA)(DC)(DG)(DT)(DG)(DG)(DT)(DC)' 
_entity_poly.pdbx_seq_one_letter_code_can   GACCACGTGGTC 
_entity_poly.pdbx_strand_id                 A 
_entity_poly.pdbx_target_identifier         ? 
# 
_pdbx_entity_nonpoly.entity_id   2 
_pdbx_entity_nonpoly.name        water 
_pdbx_entity_nonpoly.comp_id     HOH 
# 
loop_
_entity_poly_seq.entity_id 
_entity_poly_seq.num 
_entity_poly_seq.mon_id 
_entity_poly_seq.hetero 
1 1  DG n 
1 2  DA n 
1 3  DC n 
1 4  DC n 
1 5  DA n 
1 6  DC n 
1 7  DG n 
1 8  DT n 
1 9  DG n 
1 10 DG n 
1 11 DT n 
1 12 DC n 
# 
_pdbx_entity_src_syn.entity_id              1 
_pdbx_entity_src_syn.pdbx_src_id            1 
_pdbx_entity_src_syn.pdbx_alt_source_flag   sample 
_pdbx_entity_src_syn.pdbx_beg_seq_num       ? 
_pdbx_entity_src_syn.pdbx_end_seq_num       ? 
_pdbx_entity_src_syn.organism_scientific    ? 
_pdbx_entity_src_syn.organism_common_name   ? 
_pdbx_entity_src_syn.ncbi_taxonomy_id       ? 
_pdbx_entity_src_syn.details                'RECOGNITION SEQUENCE OF MAX PROTEIN' 
# 
loop_
_chem_comp.id 
_chem_comp.type 
_chem_comp.mon_nstd_flag 
_chem_comp.name 
_chem_comp.pdbx_synonyms 
_chem_comp.formula 
_chem_comp.formula_weight 
DA  'DNA linking' y "2'-DEOXYADENOSINE-5'-MONOPHOSPHATE" ? 'C10 H14 N5 O6 P' 331.222 
DC  'DNA linking' y "2'-DEOXYCYTIDINE-5'-MONOPHOSPHATE"  ? 'C9 H14 N3 O7 P'  307.197 
DG  'DNA linking' y "2'-DEOXYGUANOSINE-5'-MONOPHOSPHATE" ? 'C10 H14 N5 O7 P' 347.221 
DT  'DNA linking' y "THYMIDINE-5'-MONOPHOSPHATE"         ? 'C10 H15 N2 O8 P' 322.208 
HOH non-polymer   . WATER                                ? 'H2 O'            18.015  
# 
loop_
_pdbx_poly_seq_scheme.asym_id 
_pdbx_poly_seq_scheme.entity_id 
_pdbx_poly_seq_scheme.seq_id 
_pdbx_poly_seq_scheme.mon_id 
_pdbx_poly_seq_scheme.ndb_seq_num 
_pdbx_poly_seq_scheme.pdb_seq_num 
_pdbx_poly_seq_scheme.auth_seq_num 
_pdbx_poly_seq_scheme.pdb_mon_id 
_pdbx_poly_seq_scheme.auth_mon_id 
_pdbx_poly_seq_scheme.pdb_strand_id 
_pdbx_poly_seq_scheme.pdb_ins_code 
_pdbx_poly_seq_scheme.hetero 
A 1 1  DG 1  1  1  DG G A . n 
A 1 2  DA 2  2  2  DA A A . n 
A 1 3  DC 3  3  3  DC C A . n 
A 1 4  DC 4  4  4  DC C A . n 
A 1 5  DA 5  5  5  DA A A . n 
A 1 6  DC 6  6  6  DC C A . n 
A 1 7  DG 7  7  7  DG G A . n 
A 1 8  DT 8  8  8  DT T A . n 
A 1 9  DG 9  9  9  DG G A . n 
A 1 10 DG 10 10 10 DG G A . n 
A 1 11 DT 11 11 11 DT T A . n 
A 1 12 DC 12 12 12 DC C A . n 
# 
loop_
_pdbx_nonpoly_scheme.asym_id 
_pdbx_nonpoly_scheme.entity_id 
_pdbx_nonpoly_scheme.mon_id 
_pdbx_nonpoly_scheme.ndb_seq_num 
_pdbx_nonpoly_scheme.pdb_seq_num 
_pdbx_nonpoly_scheme.auth_seq_num 
_pdbx_nonpoly_scheme.pdb_mon_id 
_pdbx_nonpoly_scheme.auth_mon_id 
_pdbx_nonpoly_scheme.pdb_strand_id 
_pdbx_nonpoly_scheme.pdb_ins_code 
B 2 HOH 1  25 25 HOH HOH A . 
B 2 HOH 2  27 27 HOH HOH A . 
B 2 HOH 3  29 29 HOH HOH A . 
B 2 HOH 4  30 30 HOH HOH A . 
B 2 HOH 5  31 31 HOH HOH A . 
B 2 HOH 6  32 32 HOH HOH A . 
B 2 HOH 7  33 33 HOH HOH A . 
B 2 HOH 8  35 35 HOH HOH A . 
B 2 HOH 9  36 36 HOH HOH A . 
B 2 HOH 10 37 37 HOH HOH A . 
B 2 HOH 11 38 38 HOH HOH A . 
B 2 HOH 12 39 39 HOH HOH A . 
B 2 HOH 13 41 41 HOH HOH A . 
B 2 HOH 14 42 42 HOH HOH A . 
B 2 HOH 15 43 43 HOH HOH A . 
B 2 HOH 16 44 44 HOH HOH A . 
B 2 HOH 17 45 45 HOH HOH A . 
B 2 HOH 18 46 46 HOH HOH A . 
B 2 HOH 19 47 47 HOH HOH A . 
B 2 HOH 20 48 48 HOH HOH A . 
B 2 HOH 21 49 49 HOH HOH A . 
B 2 HOH 22 50 50 HOH HOH A . 
B 2 HOH 23 52 52 HOH HOH A . 
B 2 HOH 24 54 54 HOH HOH A . 
B 2 HOH 25 56 56 HOH HOH A . 
B 2 HOH 26 58 58 HOH HOH A . 
B 2 HOH 27 59 59 HOH HOH A . 
B 2 HOH 28 61 61 HOH HOH A . 
B 2 HOH 29 62 62 HOH HOH A . 
B 2 HOH 30 63 63 HOH HOH A . 
B 2 HOH 31 64 64 HOH HOH A . 
B 2 HOH 32 66 66 HOH HOH A . 
B 2 HOH 33 71 71 HOH HOH A . 
B 2 HOH 34 77 77 HOH HOH A . 
B 2 HOH 35 79 79 HOH HOH A . 
B 2 HOH 36 80 80 HOH HOH A . 
B 2 HOH 37 81 81 HOH HOH A . 
B 2 HOH 38 86 86 HOH HOH A . 
B 2 HOH 39 87 87 HOH HOH A . 
B 2 HOH 40 88 88 HOH HOH A . 
B 2 HOH 41 89 89 HOH HOH A . 
B 2 HOH 42 91 91 HOH HOH A . 
B 2 HOH 43 92 92 HOH HOH A . 
B 2 HOH 44 94 94 HOH HOH A . 
B 2 HOH 45 96 96 HOH HOH A . 
# 
loop_
_software.name 
_software.classification 
_software.version 
_software.citation_id 
_software.pdbx_ordinal 
X-PLOR  'model building'  .     ? 1 
X-PLOR  refinement        3.851 ? 2 
MAR345  'data collection' .     ? 3 
AUTOMAR 'data reduction'  .     ? 4 
X-PLOR  phasing           .     ? 5 
# 
_cell.entry_id           1QPH 
_cell.length_a           46.300 
_cell.length_b           46.300 
_cell.length_c           72.600 
_cell.angle_alpha        90.00 
_cell.angle_beta         90.00 
_cell.angle_gamma        120.00 
_cell.Z_PDB              12 
_cell.pdbx_unique_axis   ? 
# 
_symmetry.entry_id                         1QPH 
_symmetry.space_group_name_H-M             'P 61 2 2' 
_symmetry.pdbx_full_space_group_name_H-M   ? 
_symmetry.cell_setting                     hexagonal 
_symmetry.Int_Tables_number                178 
# 
_exptl.entry_id          1QPH 
_exptl.method            'X-RAY DIFFRACTION' 
_exptl.crystals_number   1 
# 
_exptl_crystal.id                    1 
_exptl_crystal.density_meas          ? 
_exptl_crystal.density_Matthews      3.07 
_exptl_crystal.density_percent_sol   59.88 
_exptl_crystal.description           ? 
# 
_exptl_crystal_grow.crystal_id      1 
_exptl_crystal_grow.method          'VAPOR DIFFUSION, HANGING DROP' 
_exptl_crystal_grow.temp            277.0 
_exptl_crystal_grow.temp_details    ? 
_exptl_crystal_grow.pH              6.5 
_exptl_crystal_grow.pdbx_details    '(NH4)2SO4, WATER, pH 6.5, VAPOR DIFFUSION, HANGING DROP, temperature 277.0K' 
_exptl_crystal_grow.pdbx_pH_range   ? 
# 
loop_
_exptl_crystal_grow_comp.crystal_id 
_exptl_crystal_grow_comp.id 
_exptl_crystal_grow_comp.sol_id 
_exptl_crystal_grow_comp.name 
_exptl_crystal_grow_comp.volume 
_exptl_crystal_grow_comp.conc 
_exptl_crystal_grow_comp.details 
1 1 1 '(NH4)2SO4' ? ? ? 
1 2 2 '(NH4)2SO4' ? ? ? 
# 
_diffrn.id                     1 
_diffrn.ambient_temp           278.0 
_diffrn.ambient_temp_details   ? 
_diffrn.crystal_id             1 
# 
_diffrn_detector.diffrn_id              1 
_diffrn_detector.detector               'IMAGE PLATE' 
_diffrn_detector.type                   MARRESEARCH 
_diffrn_detector.pdbx_collection_date   1996-09-25 
_diffrn_detector.details                ? 
# 
_diffrn_radiation.diffrn_id                        1 
_diffrn_radiation.wavelength_id                    1 
_diffrn_radiation.pdbx_monochromatic_or_laue_m_l   M 
_diffrn_radiation.monochromator                    ? 
_diffrn_radiation.pdbx_diffrn_protocol             'SINGLE WAVELENGTH' 
_diffrn_radiation.pdbx_scattering_type             x-ray 
# 
_diffrn_radiation_wavelength.id           1 
_diffrn_radiation_wavelength.wavelength   1.5418 
_diffrn_radiation_wavelength.wt           1.0 
# 
_diffrn_source.diffrn_id                   1 
_diffrn_source.source                      'ROTATING ANODE' 
_diffrn_source.type                        MACSCIENCE 
_diffrn_source.pdbx_synchrotron_site       ? 
_diffrn_source.pdbx_synchrotron_beamline   ? 
_diffrn_source.pdbx_wavelength             1.5418 
_diffrn_source.pdbx_wavelength_list        ? 
# 
_reflns.entry_id                     1QPH 
_reflns.observed_criterion_sigma_I   0 
_reflns.observed_criterion_sigma_F   ? 
_reflns.d_resolution_low             23.0 
_reflns.d_resolution_high            2.5 
_reflns.number_obs                   1781 
_reflns.number_all                   1781 
_reflns.percent_possible_obs         97.7 
_reflns.pdbx_Rmerge_I_obs            0.0540000 
_reflns.pdbx_Rsym_value              ? 
_reflns.pdbx_netI_over_sigmaI        43.1 
_reflns.B_iso_Wilson_estimate        19.7 
_reflns.pdbx_redundancy              3.6 
_reflns.pdbx_diffrn_id               1 
_reflns.pdbx_ordinal                 1 
# 
_refine.entry_id                                 1QPH 
_refine.ls_number_reflns_obs                     1682 
_refine.ls_number_reflns_all                     1719 
_refine.pdbx_ls_sigma_I                          ? 
_refine.pdbx_ls_sigma_F                          2.0 
_refine.pdbx_data_cutoff_high_absF               ? 
_refine.pdbx_data_cutoff_low_absF                ? 
_refine.pdbx_data_cutoff_high_rms_absF           ? 
_refine.ls_d_res_low                             7.0 
_refine.ls_d_res_high                            2.5 
_refine.ls_percent_reflns_obs                    97.9 
_refine.ls_R_factor_obs                          0.2250000 
_refine.ls_R_factor_all                          ? 
_refine.ls_R_factor_R_work                       0.2250000 
_refine.ls_R_factor_R_free                       ? 
_refine.ls_R_factor_R_free_error                 ? 
_refine.ls_R_factor_R_free_error_details         ? 
_refine.ls_percent_reflns_R_free                 ? 
_refine.ls_number_reflns_R_free                  ? 
_refine.ls_number_parameters                     ? 
_refine.ls_number_restraints                     ? 
_refine.occupancy_min                            ? 
_refine.occupancy_max                            ? 
_refine.B_iso_mean                               ? 
_refine.aniso_B[1][1]                            ? 
_refine.aniso_B[2][2]                            ? 
_refine.aniso_B[3][3]                            ? 
_refine.aniso_B[1][2]                            ? 
_refine.aniso_B[1][3]                            ? 
_refine.aniso_B[2][3]                            ? 
_refine.solvent_model_details                    ? 
_refine.solvent_model_param_ksol                 ? 
_refine.solvent_model_param_bsol                 ? 
_refine.pdbx_ls_cross_valid_method               ? 
_refine.details                                  'SIMULATED ANNEALING REFINEMENT' 
_refine.pdbx_starting_model                      'NDB ID ADL045' 
_refine.pdbx_method_to_determine_struct          'RIGID BODY REFINEMENT' 
_refine.pdbx_isotropic_thermal_model             ? 
_refine.pdbx_stereochemistry_target_values       
;G. PARKINSON, J. VOJTECHOVSKY, L. CLOWNEY, A.T. BRUNGER, H.M. BERMAN, NEW PARAMETERS FOR THE REFINEMENT OF NUCLEIC ACID CONTAINING STRUCTURES, ACTA CRYST. D, 52, 57-64 (1996).
;
_refine.pdbx_stereochem_target_val_spec_case     ? 
_refine.pdbx_R_Free_selection_details            ? 
_refine.pdbx_overall_ESU_R                       ? 
_refine.pdbx_overall_ESU_R_Free                  ? 
_refine.overall_SU_ML                            ? 
_refine.overall_SU_B                             ? 
_refine.pdbx_refine_id                           'X-RAY DIFFRACTION' 
_refine.pdbx_diffrn_id                           1 
_refine.pdbx_TLS_residual_ADP_flag               ? 
_refine.correlation_coeff_Fo_to_Fc               ? 
_refine.correlation_coeff_Fo_to_Fc_free          ? 
_refine.pdbx_solvent_vdw_probe_radii             ? 
_refine.pdbx_solvent_ion_probe_radii             ? 
_refine.pdbx_solvent_shrinkage_radii             ? 
_refine.pdbx_overall_phase_error                 ? 
_refine.overall_SU_R_Cruickshank_DPI             ? 
_refine.pdbx_overall_SU_R_free_Cruickshank_DPI   ? 
_refine.pdbx_overall_SU_R_Blow_DPI               ? 
_refine.pdbx_overall_SU_R_free_Blow_DPI          ? 
# 
_refine_hist.pdbx_refine_id                   'X-RAY DIFFRACTION' 
_refine_hist.cycle_id                         LAST 
_refine_hist.pdbx_number_atoms_protein        0 
_refine_hist.pdbx_number_atoms_nucleic_acid   247 
_refine_hist.pdbx_number_atoms_ligand         0 
_refine_hist.number_atoms_solvent             45 
_refine_hist.number_atoms_total               292 
_refine_hist.d_res_high                       2.5 
_refine_hist.d_res_low                        7.0 
# 
loop_
_refine_ls_restr.type 
_refine_ls_restr.dev_ideal 
_refine_ls_restr.dev_ideal_target 
_refine_ls_restr.weight 
_refine_ls_restr.number 
_refine_ls_restr.pdbx_refine_id 
_refine_ls_restr.pdbx_restraint_function 
x_bond_d                0.007 ? ? ? 'X-RAY DIFFRACTION' ? 
x_bond_d_na             ?     ? ? ? 'X-RAY DIFFRACTION' ? 
x_bond_d_prot           ?     ? ? ? 'X-RAY DIFFRACTION' ? 
x_angle_d               ?     ? ? ? 'X-RAY DIFFRACTION' ? 
x_angle_d_na            ?     ? ? ? 'X-RAY DIFFRACTION' ? 
x_angle_d_prot          ?     ? ? ? 'X-RAY DIFFRACTION' ? 
x_angle_deg             1.0   ? ? ? 'X-RAY DIFFRACTION' ? 
x_angle_deg_na          ?     ? ? ? 'X-RAY DIFFRACTION' ? 
x_angle_deg_prot        ?     ? ? ? 'X-RAY DIFFRACTION' ? 
x_dihedral_angle_d      26.0  ? ? ? 'X-RAY DIFFRACTION' ? 
x_dihedral_angle_d_na   ?     ? ? ? 'X-RAY DIFFRACTION' ? 
x_dihedral_angle_d_prot ?     ? ? ? 'X-RAY DIFFRACTION' ? 
x_improper_angle_d      1.50  ? ? ? 'X-RAY DIFFRACTION' ? 
x_improper_angle_d_na   ?     ? ? ? 'X-RAY DIFFRACTION' ? 
x_improper_angle_d_prot ?     ? ? ? 'X-RAY DIFFRACTION' ? 
x_mcbond_it             ?     ? ? ? 'X-RAY DIFFRACTION' ? 
x_mcangle_it            ?     ? ? ? 'X-RAY DIFFRACTION' ? 
x_scbond_it             ?     ? ? ? 'X-RAY DIFFRACTION' ? 
x_scangle_it            ?     ? ? ? 'X-RAY DIFFRACTION' ? 
# 
_refine_ls_shell.pdbx_total_number_of_bins_used   8 
_refine_ls_shell.d_res_high                       2.50 
_refine_ls_shell.d_res_low                        2.61 
_refine_ls_shell.number_reflns_R_work             206 
_refine_ls_shell.R_factor_R_work                  0.2890000 
_refine_ls_shell.percent_reflns_obs               97.1 
_refine_ls_shell.R_factor_R_free                  ? 
_refine_ls_shell.R_factor_R_free_error            ? 
_refine_ls_shell.percent_reflns_R_free            ? 
_refine_ls_shell.number_reflns_R_free             ? 
_refine_ls_shell.pdbx_refine_id                   'X-RAY DIFFRACTION' 
_refine_ls_shell.number_reflns_all                ? 
_refine_ls_shell.R_factor_all                     ? 
# 
_pdbx_xplor_file.serial_no        1 
_pdbx_xplor_file.param_file       PARAM_NDBX3.DNA 
_pdbx_xplor_file.topol_file       TOP_NDBX3.DNA 
_pdbx_xplor_file.pdbx_refine_id   'X-RAY DIFFRACTION' 
# 
_struct.entry_id                  1QPH 
_struct.title                     'CRYSTAL STRUCTURE OF THE A-DNA DODECAMER GACCACGTGGTC' 
_struct.pdbx_model_details        ? 
_struct.pdbx_CASP_flag            ? 
_struct.pdbx_model_type_details   ? 
# 
_struct_keywords.entry_id        1QPH 
_struct_keywords.pdbx_keywords   DNA 
_struct_keywords.text            'DOUBLE HELIX, A-DNA, MAX PROTEIN, DNA CURVATURE, DNA' 
# 
loop_
_struct_asym.id 
_struct_asym.pdbx_blank_PDB_chainid_flag 
_struct_asym.pdbx_modified 
_struct_asym.entity_id 
_struct_asym.details 
A N N 1 ? 
B N N 2 ? 
# 
_struct_ref.id                         1 
_struct_ref.entity_id                  1 
_struct_ref.db_name                    PDB 
_struct_ref.db_code                    1QPH 
_struct_ref.pdbx_db_accession          1QPH 
_struct_ref.pdbx_db_isoform            ? 
_struct_ref.pdbx_seq_one_letter_code   ? 
_struct_ref.pdbx_align_begin           ? 
# 
_struct_ref_seq.align_id                      1 
_struct_ref_seq.ref_id                        1 
_struct_ref_seq.pdbx_PDB_id_code              1QPH 
_struct_ref_seq.pdbx_strand_id                A 
_struct_ref_seq.seq_align_beg                 1 
_struct_ref_seq.pdbx_seq_align_beg_ins_code   ? 
_struct_ref_seq.seq_align_end                 12 
_struct_ref_seq.pdbx_seq_align_end_ins_code   ? 
_struct_ref_seq.pdbx_db_accession             1QPH 
_struct_ref_seq.db_align_beg                  1 
_struct_ref_seq.pdbx_db_align_beg_ins_code    ? 
_struct_ref_seq.db_align_end                  12 
_struct_ref_seq.pdbx_db_align_end_ins_code    ? 
_struct_ref_seq.pdbx_auth_seq_align_beg       1 
_struct_ref_seq.pdbx_auth_seq_align_end       12 
# 
_pdbx_struct_assembly.id                   1 
_pdbx_struct_assembly.details              author_defined_assembly 
_pdbx_struct_assembly.method_details       ? 
_pdbx_struct_assembly.oligomeric_details   dimeric 
_pdbx_struct_assembly.oligomeric_count     2 
# 
_pdbx_struct_assembly_gen.assembly_id       1 
_pdbx_struct_assembly_gen.oper_expression   1,2 
_pdbx_struct_assembly_gen.asym_id_list      A,B 
# 
loop_
_pdbx_struct_oper_list.id 
_pdbx_struct_oper_list.type 
_pdbx_struct_oper_list.name 
_pdbx_struct_oper_list.symmetry_operation 
_pdbx_struct_oper_list.matrix[1][1] 
_pdbx_struct_oper_list.matrix[1][2] 
_pdbx_struct_oper_list.matrix[1][3] 
_pdbx_struct_oper_list.vector[1] 
_pdbx_struct_oper_list.matrix[2][1] 
_pdbx_struct_oper_list.matrix[2][2] 
_pdbx_struct_oper_list.matrix[2][3] 
_pdbx_struct_oper_list.vector[2] 
_pdbx_struct_oper_list.matrix[3][1] 
_pdbx_struct_oper_list.matrix[3][2] 
_pdbx_struct_oper_list.matrix[3][3] 
_pdbx_struct_oper_list.vector[3] 
1 'identity operation'         1_555  x,y,z          1.0000000000  0.0000000000 0.0000000000  0.0000000000 0.0000000000 1.0000000000  0.0000000000  0.0000000000  0.0000000000  0.0000000000  1.0000000000 0.0000000000  
2 'crystal symmetry operation' 12_565 x,x-y+1,-z+1/6 -0.7228426040 0.0779510583 -0.6866019242 0.8395610772 0.0779510583 -0.9780761128 -0.1931081306 -4.3314082311 -0.6866019242 -0.1931081306 0.7009187168 -0.1528502758 
# 
_struct_biol.id   1 
# 
loop_
_struct_conn.id 
_struct_conn.conn_type_id 
_struct_conn.pdbx_leaving_atom_flag 
_struct_conn.pdbx_PDB_id 
_struct_conn.ptnr1_label_asym_id 
_struct_conn.ptnr1_label_comp_id 
_struct_conn.ptnr1_label_seq_id 
_struct_conn.ptnr1_label_atom_id 
_struct_conn.pdbx_ptnr1_label_alt_id 
_struct_conn.pdbx_ptnr1_PDB_ins_code 
_struct_conn.pdbx_ptnr1_standard_comp_id 
_struct_conn.ptnr1_symmetry 
_struct_conn.ptnr2_label_asym_id 
_struct_conn.ptnr2_label_comp_id 
_struct_conn.ptnr2_label_seq_id 
_struct_conn.ptnr2_label_atom_id 
_struct_conn.pdbx_ptnr2_label_alt_id 
_struct_conn.pdbx_ptnr2_PDB_ins_code 
_struct_conn.ptnr1_auth_asym_id 
_struct_conn.ptnr1_auth_comp_id 
_struct_conn.ptnr1_auth_seq_id 
_struct_conn.ptnr2_auth_asym_id 
_struct_conn.ptnr2_auth_comp_id 
_struct_conn.ptnr2_auth_seq_id 
_struct_conn.ptnr2_symmetry 
_struct_conn.pdbx_ptnr3_label_atom_id 
_struct_conn.pdbx_ptnr3_label_seq_id 
_struct_conn.pdbx_ptnr3_label_comp_id 
_struct_conn.pdbx_ptnr3_label_asym_id 
_struct_conn.pdbx_ptnr3_label_alt_id 
_struct_conn.pdbx_ptnr3_PDB_ins_code 
_struct_conn.details 
_struct_conn.pdbx_dist_value 
_struct_conn.pdbx_value_order 
_struct_conn.pdbx_role 
hydrog1  hydrog ? ? A DG 1  N1 ? ? ? 1_555 A DC 12 N3 ? ? A DG 1  A DC 12 12_565 ? ? ? ? ? ? WATSON-CRICK ? ? ? 
hydrog2  hydrog ? ? A DG 1  N2 ? ? ? 1_555 A DC 12 O2 ? ? A DG 1  A DC 12 12_565 ? ? ? ? ? ? WATSON-CRICK ? ? ? 
hydrog3  hydrog ? ? A DG 1  O6 ? ? ? 1_555 A DC 12 N4 ? ? A DG 1  A DC 12 12_565 ? ? ? ? ? ? WATSON-CRICK ? ? ? 
hydrog4  hydrog ? ? A DA 2  N1 ? ? ? 1_555 A DT 11 N3 ? ? A DA 2  A DT 11 12_565 ? ? ? ? ? ? WATSON-CRICK ? ? ? 
hydrog5  hydrog ? ? A DA 2  N6 ? ? ? 1_555 A DT 11 O4 ? ? A DA 2  A DT 11 12_565 ? ? ? ? ? ? WATSON-CRICK ? ? ? 
hydrog6  hydrog ? ? A DC 3  N3 ? ? ? 1_555 A DG 10 N1 ? ? A DC 3  A DG 10 12_565 ? ? ? ? ? ? WATSON-CRICK ? ? ? 
hydrog7  hydrog ? ? A DC 3  N4 ? ? ? 1_555 A DG 10 O6 ? ? A DC 3  A DG 10 12_565 ? ? ? ? ? ? WATSON-CRICK ? ? ? 
hydrog8  hydrog ? ? A DC 3  O2 ? ? ? 1_555 A DG 10 N2 ? ? A DC 3  A DG 10 12_565 ? ? ? ? ? ? WATSON-CRICK ? ? ? 
hydrog9  hydrog ? ? A DC 4  N3 ? ? ? 1_555 A DG 9  N1 ? ? A DC 4  A DG 9  12_565 ? ? ? ? ? ? WATSON-CRICK ? ? ? 
hydrog10 hydrog ? ? A DC 4  N4 ? ? ? 1_555 A DG 9  O6 ? ? A DC 4  A DG 9  12_565 ? ? ? ? ? ? WATSON-CRICK ? ? ? 
hydrog11 hydrog ? ? A DC 4  O2 ? ? ? 1_555 A DG 9  N2 ? ? A DC 4  A DG 9  12_565 ? ? ? ? ? ? WATSON-CRICK ? ? ? 
hydrog12 hydrog ? ? A DA 5  N1 ? ? ? 1_555 A DT 8  N3 ? ? A DA 5  A DT 8  12_565 ? ? ? ? ? ? WATSON-CRICK ? ? ? 
hydrog13 hydrog ? ? A DA 5  N6 ? ? ? 1_555 A DT 8  O4 ? ? A DA 5  A DT 8  12_565 ? ? ? ? ? ? WATSON-CRICK ? ? ? 
hydrog14 hydrog ? ? A DC 6  N3 ? ? ? 1_555 A DG 7  N1 ? ? A DC 6  A DG 7  12_565 ? ? ? ? ? ? WATSON-CRICK ? ? ? 
hydrog15 hydrog ? ? A DC 6  N4 ? ? ? 1_555 A DG 7  O6 ? ? A DC 6  A DG 7  12_565 ? ? ? ? ? ? WATSON-CRICK ? ? ? 
hydrog16 hydrog ? ? A DC 6  O2 ? ? ? 1_555 A DG 7  N2 ? ? A DC 6  A DG 7  12_565 ? ? ? ? ? ? WATSON-CRICK ? ? ? 
hydrog17 hydrog ? ? A DG 7  N1 ? ? ? 1_555 A DC 6  N3 ? ? A DG 7  A DC 6  12_565 ? ? ? ? ? ? WATSON-CRICK ? ? ? 
hydrog18 hydrog ? ? A DG 7  N2 ? ? ? 1_555 A DC 6  O2 ? ? A DG 7  A DC 6  12_565 ? ? ? ? ? ? WATSON-CRICK ? ? ? 
hydrog19 hydrog ? ? A DG 7  O6 ? ? ? 1_555 A DC 6  N4 ? ? A DG 7  A DC 6  12_565 ? ? ? ? ? ? WATSON-CRICK ? ? ? 
hydrog20 hydrog ? ? A DT 8  N3 ? ? ? 1_555 A DA 5  N1 ? ? A DT 8  A DA 5  12_565 ? ? ? ? ? ? WATSON-CRICK ? ? ? 
hydrog21 hydrog ? ? A DT 8  O4 ? ? ? 1_555 A DA 5  N6 ? ? A DT 8  A DA 5  12_565 ? ? ? ? ? ? WATSON-CRICK ? ? ? 
hydrog22 hydrog ? ? A DG 9  N1 ? ? ? 1_555 A DC 4  N3 ? ? A DG 9  A DC 4  12_565 ? ? ? ? ? ? WATSON-CRICK ? ? ? 
hydrog23 hydrog ? ? A DG 9  N2 ? ? ? 1_555 A DC 4  O2 ? ? A DG 9  A DC 4  12_565 ? ? ? ? ? ? WATSON-CRICK ? ? ? 
hydrog24 hydrog ? ? A DG 9  O6 ? ? ? 1_555 A DC 4  N4 ? ? A DG 9  A DC 4  12_565 ? ? ? ? ? ? WATSON-CRICK ? ? ? 
hydrog25 hydrog ? ? A DG 10 N1 ? ? ? 1_555 A DC 3  N3 ? ? A DG 10 A DC 3  12_565 ? ? ? ? ? ? WATSON-CRICK ? ? ? 
hydrog26 hydrog ? ? A DG 10 N2 ? ? ? 1_555 A DC 3  O2 ? ? A DG 10 A DC 3  12_565 ? ? ? ? ? ? WATSON-CRICK ? ? ? 
hydrog27 hydrog ? ? A DG 10 O6 ? ? ? 1_555 A DC 3  N4 ? ? A DG 10 A DC 3  12_565 ? ? ? ? ? ? WATSON-CRICK ? ? ? 
hydrog28 hydrog ? ? A DT 11 N3 ? ? ? 1_555 A DA 2  N1 ? ? A DT 11 A DA 2  12_565 ? ? ? ? ? ? WATSON-CRICK ? ? ? 
hydrog29 hydrog ? ? A DT 11 O4 ? ? ? 1_555 A DA 2  N6 ? ? A DT 11 A DA 2  12_565 ? ? ? ? ? ? WATSON-CRICK ? ? ? 
hydrog30 hydrog ? ? A DC 12 N3 ? ? ? 1_555 A DG 1  N1 ? ? A DC 12 A DG 1  12_565 ? ? ? ? ? ? WATSON-CRICK ? ? ? 
hydrog31 hydrog ? ? A DC 12 N4 ? ? ? 1_555 A DG 1  O6 ? ? A DC 12 A DG 1  12_565 ? ? ? ? ? ? WATSON-CRICK ? ? ? 
hydrog32 hydrog ? ? A DC 12 O2 ? ? ? 1_555 A DG 1  N2 ? ? A DC 12 A DG 1  12_565 ? ? ? ? ? ? WATSON-CRICK ? ? ? 
# 
_struct_conn_type.id          hydrog 
_struct_conn_type.criteria    ? 
_struct_conn_type.reference   ? 
# 
loop_
_pdbx_validate_close_contact.id 
_pdbx_validate_close_contact.PDB_model_num 
_pdbx_validate_close_contact.auth_atom_id_1 
_pdbx_validate_close_contact.auth_asym_id_1 
_pdbx_validate_close_contact.auth_comp_id_1 
_pdbx_validate_close_contact.auth_seq_id_1 
_pdbx_validate_close_contact.PDB_ins_code_1 
_pdbx_validate_close_contact.label_alt_id_1 
_pdbx_validate_close_contact.auth_atom_id_2 
_pdbx_validate_close_contact.auth_asym_id_2 
_pdbx_validate_close_contact.auth_comp_id_2 
_pdbx_validate_close_contact.auth_seq_id_2 
_pdbx_validate_close_contact.PDB_ins_code_2 
_pdbx_validate_close_contact.label_alt_id_2 
_pdbx_validate_close_contact.dist 
1 1 O   A HOH 43 ? ? O A HOH 44 ? ? 1.95 
2 1 O   A HOH 35 ? ? O A HOH 61 ? ? 1.98 
3 1 N7  A DA  5  ? ? O A HOH 37 ? ? 2.13 
4 1 OP2 A DA  5  ? ? O A HOH 38 ? ? 2.14 
# 
loop_
_pdbx_validate_symm_contact.id 
_pdbx_validate_symm_contact.PDB_model_num 
_pdbx_validate_symm_contact.auth_atom_id_1 
_pdbx_validate_symm_contact.auth_asym_id_1 
_pdbx_validate_symm_contact.auth_comp_id_1 
_pdbx_validate_symm_contact.auth_seq_id_1 
_pdbx_validate_symm_contact.PDB_ins_code_1 
_pdbx_validate_symm_contact.label_alt_id_1 
_pdbx_validate_symm_contact.site_symmetry_1 
_pdbx_validate_symm_contact.auth_atom_id_2 
_pdbx_validate_symm_contact.auth_asym_id_2 
_pdbx_validate_symm_contact.auth_comp_id_2 
_pdbx_validate_symm_contact.auth_seq_id_2 
_pdbx_validate_symm_contact.PDB_ins_code_2 
_pdbx_validate_symm_contact.label_alt_id_2 
_pdbx_validate_symm_contact.site_symmetry_2 
_pdbx_validate_symm_contact.dist 
1 1 O A HOH 94 ? ? 1_555 O A HOH 96 ? ? 7_565  1.90 
2 1 O A HOH 71 ? ? 1_555 O A HOH 89 ? ? 11_555 2.07 
# 
_pdbx_validate_planes.id              1 
_pdbx_validate_planes.PDB_model_num   1 
_pdbx_validate_planes.auth_comp_id    DG 
_pdbx_validate_planes.auth_asym_id    A 
_pdbx_validate_planes.auth_seq_id     1 
_pdbx_validate_planes.PDB_ins_code    ? 
_pdbx_validate_planes.label_alt_id    ? 
_pdbx_validate_planes.rmsd            0.060 
_pdbx_validate_planes.type            'SIDE CHAIN' 
# 
_pdbx_struct_special_symmetry.id              1 
_pdbx_struct_special_symmetry.PDB_model_num   1 
_pdbx_struct_special_symmetry.auth_asym_id    A 
_pdbx_struct_special_symmetry.auth_comp_id    HOH 
_pdbx_struct_special_symmetry.auth_seq_id     46 
_pdbx_struct_special_symmetry.PDB_ins_code    ? 
_pdbx_struct_special_symmetry.label_asym_id   B 
_pdbx_struct_special_symmetry.label_comp_id   HOH 
_pdbx_struct_special_symmetry.label_seq_id    . 
# 
loop_
_chem_comp_atom.comp_id 
_chem_comp_atom.atom_id 
_chem_comp_atom.type_symbol 
_chem_comp_atom.pdbx_aromatic_flag 
_chem_comp_atom.pdbx_stereo_config 
_chem_comp_atom.pdbx_ordinal 
DA  OP3    O N N 1   
DA  P      P N N 2   
DA  OP1    O N N 3   
DA  OP2    O N N 4   
DA  "O5'"  O N N 5   
DA  "C5'"  C N N 6   
DA  "C4'"  C N R 7   
DA  "O4'"  O N N 8   
DA  "C3'"  C N S 9   
DA  "O3'"  O N N 10  
DA  "C2'"  C N N 11  
DA  "C1'"  C N R 12  
DA  N9     N Y N 13  
DA  C8     C Y N 14  
DA  N7     N Y N 15  
DA  C5     C Y N 16  
DA  C6     C Y N 17  
DA  N6     N N N 18  
DA  N1     N Y N 19  
DA  C2     C Y N 20  
DA  N3     N Y N 21  
DA  C4     C Y N 22  
DA  HOP3   H N N 23  
DA  HOP2   H N N 24  
DA  "H5'"  H N N 25  
DA  "H5''" H N N 26  
DA  "H4'"  H N N 27  
DA  "H3'"  H N N 28  
DA  "HO3'" H N N 29  
DA  "H2'"  H N N 30  
DA  "H2''" H N N 31  
DA  "H1'"  H N N 32  
DA  H8     H N N 33  
DA  H61    H N N 34  
DA  H62    H N N 35  
DA  H2     H N N 36  
DC  OP3    O N N 37  
DC  P      P N N 38  
DC  OP1    O N N 39  
DC  OP2    O N N 40  
DC  "O5'"  O N N 41  
DC  "C5'"  C N N 42  
DC  "C4'"  C N R 43  
DC  "O4'"  O N N 44  
DC  "C3'"  C N S 45  
DC  "O3'"  O N N 46  
DC  "C2'"  C N N 47  
DC  "C1'"  C N R 48  
DC  N1     N N N 49  
DC  C2     C N N 50  
DC  O2     O N N 51  
DC  N3     N N N 52  
DC  C4     C N N 53  
DC  N4     N N N 54  
DC  C5     C N N 55  
DC  C6     C N N 56  
DC  HOP3   H N N 57  
DC  HOP2   H N N 58  
DC  "H5'"  H N N 59  
DC  "H5''" H N N 60  
DC  "H4'"  H N N 61  
DC  "H3'"  H N N 62  
DC  "HO3'" H N N 63  
DC  "H2'"  H N N 64  
DC  "H2''" H N N 65  
DC  "H1'"  H N N 66  
DC  H41    H N N 67  
DC  H42    H N N 68  
DC  H5     H N N 69  
DC  H6     H N N 70  
DG  OP3    O N N 71  
DG  P      P N N 72  
DG  OP1    O N N 73  
DG  OP2    O N N 74  
DG  "O5'"  O N N 75  
DG  "C5'"  C N N 76  
DG  "C4'"  C N R 77  
DG  "O4'"  O N N 78  
DG  "C3'"  C N S 79  
DG  "O3'"  O N N 80  
DG  "C2'"  C N N 81  
DG  "C1'"  C N R 82  
DG  N9     N Y N 83  
DG  C8     C Y N 84  
DG  N7     N Y N 85  
DG  C5     C Y N 86  
DG  C6     C N N 87  
DG  O6     O N N 88  
DG  N1     N N N 89  
DG  C2     C N N 90  
DG  N2     N N N 91  
DG  N3     N N N 92  
DG  C4     C Y N 93  
DG  HOP3   H N N 94  
DG  HOP2   H N N 95  
DG  "H5'"  H N N 96  
DG  "H5''" H N N 97  
DG  "H4'"  H N N 98  
DG  "H3'"  H N N 99  
DG  "HO3'" H N N 100 
DG  "H2'"  H N N 101 
DG  "H2''" H N N 102 
DG  "H1'"  H N N 103 
DG  H8     H N N 104 
DG  H1     H N N 105 
DG  H21    H N N 106 
DG  H22    H N N 107 
DT  OP3    O N N 108 
DT  P      P N N 109 
DT  OP1    O N N 110 
DT  OP2    O N N 111 
DT  "O5'"  O N N 112 
DT  "C5'"  C N N 113 
DT  "C4'"  C N R 114 
DT  "O4'"  O N N 115 
DT  "C3'"  C N S 116 
DT  "O3'"  O N N 117 
DT  "C2'"  C N N 118 
DT  "C1'"  C N R 119 
DT  N1     N N N 120 
DT  C2     C N N 121 
DT  O2     O N N 122 
DT  N3     N N N 123 
DT  C4     C N N 124 
DT  O4     O N N 125 
DT  C5     C N N 126 
DT  C7     C N N 127 
DT  C6     C N N 128 
DT  HOP3   H N N 129 
DT  HOP2   H N N 130 
DT  "H5'"  H N N 131 
DT  "H5''" H N N 132 
DT  "H4'"  H N N 133 
DT  "H3'"  H N N 134 
DT  "HO3'" H N N 135 
DT  "H2'"  H N N 136 
DT  "H2''" H N N 137 
DT  "H1'"  H N N 138 
DT  H3     H N N 139 
DT  H71    H N N 140 
DT  H72    H N N 141 
DT  H73    H N N 142 
DT  H6     H N N 143 
HOH O      O N N 144 
HOH H1     H N N 145 
HOH H2     H N N 146 
# 
loop_
_chem_comp_bond.comp_id 
_chem_comp_bond.atom_id_1 
_chem_comp_bond.atom_id_2 
_chem_comp_bond.value_order 
_chem_comp_bond.pdbx_aromatic_flag 
_chem_comp_bond.pdbx_stereo_config 
_chem_comp_bond.pdbx_ordinal 
DA  OP3   P      sing N N 1   
DA  OP3   HOP3   sing N N 2   
DA  P     OP1    doub N N 3   
DA  P     OP2    sing N N 4   
DA  P     "O5'"  sing N N 5   
DA  OP2   HOP2   sing N N 6   
DA  "O5'" "C5'"  sing N N 7   
DA  "C5'" "C4'"  sing N N 8   
DA  "C5'" "H5'"  sing N N 9   
DA  "C5'" "H5''" sing N N 10  
DA  "C4'" "O4'"  sing N N 11  
DA  "C4'" "C3'"  sing N N 12  
DA  "C4'" "H4'"  sing N N 13  
DA  "O4'" "C1'"  sing N N 14  
DA  "C3'" "O3'"  sing N N 15  
DA  "C3'" "C2'"  sing N N 16  
DA  "C3'" "H3'"  sing N N 17  
DA  "O3'" "HO3'" sing N N 18  
DA  "C2'" "C1'"  sing N N 19  
DA  "C2'" "H2'"  sing N N 20  
DA  "C2'" "H2''" sing N N 21  
DA  "C1'" N9     sing N N 22  
DA  "C1'" "H1'"  sing N N 23  
DA  N9    C8     sing Y N 24  
DA  N9    C4     sing Y N 25  
DA  C8    N7     doub Y N 26  
DA  C8    H8     sing N N 27  
DA  N7    C5     sing Y N 28  
DA  C5    C6     sing Y N 29  
DA  C5    C4     doub Y N 30  
DA  C6    N6     sing N N 31  
DA  C6    N1     doub Y N 32  
DA  N6    H61    sing N N 33  
DA  N6    H62    sing N N 34  
DA  N1    C2     sing Y N 35  
DA  C2    N3     doub Y N 36  
DA  C2    H2     sing N N 37  
DA  N3    C4     sing Y N 38  
DC  OP3   P      sing N N 39  
DC  OP3   HOP3   sing N N 40  
DC  P     OP1    doub N N 41  
DC  P     OP2    sing N N 42  
DC  P     "O5'"  sing N N 43  
DC  OP2   HOP2   sing N N 44  
DC  "O5'" "C5'"  sing N N 45  
DC  "C5'" "C4'"  sing N N 46  
DC  "C5'" "H5'"  sing N N 47  
DC  "C5'" "H5''" sing N N 48  
DC  "C4'" "O4'"  sing N N 49  
DC  "C4'" "C3'"  sing N N 50  
DC  "C4'" "H4'"  sing N N 51  
DC  "O4'" "C1'"  sing N N 52  
DC  "C3'" "O3'"  sing N N 53  
DC  "C3'" "C2'"  sing N N 54  
DC  "C3'" "H3'"  sing N N 55  
DC  "O3'" "HO3'" sing N N 56  
DC  "C2'" "C1'"  sing N N 57  
DC  "C2'" "H2'"  sing N N 58  
DC  "C2'" "H2''" sing N N 59  
DC  "C1'" N1     sing N N 60  
DC  "C1'" "H1'"  sing N N 61  
DC  N1    C2     sing N N 62  
DC  N1    C6     sing N N 63  
DC  C2    O2     doub N N 64  
DC  C2    N3     sing N N 65  
DC  N3    C4     doub N N 66  
DC  C4    N4     sing N N 67  
DC  C4    C5     sing N N 68  
DC  N4    H41    sing N N 69  
DC  N4    H42    sing N N 70  
DC  C5    C6     doub N N 71  
DC  C5    H5     sing N N 72  
DC  C6    H6     sing N N 73  
DG  OP3   P      sing N N 74  
DG  OP3   HOP3   sing N N 75  
DG  P     OP1    doub N N 76  
DG  P     OP2    sing N N 77  
DG  P     "O5'"  sing N N 78  
DG  OP2   HOP2   sing N N 79  
DG  "O5'" "C5'"  sing N N 80  
DG  "C5'" "C4'"  sing N N 81  
DG  "C5'" "H5'"  sing N N 82  
DG  "C5'" "H5''" sing N N 83  
DG  "C4'" "O4'"  sing N N 84  
DG  "C4'" "C3'"  sing N N 85  
DG  "C4'" "H4'"  sing N N 86  
DG  "O4'" "C1'"  sing N N 87  
DG  "C3'" "O3'"  sing N N 88  
DG  "C3'" "C2'"  sing N N 89  
DG  "C3'" "H3'"  sing N N 90  
DG  "O3'" "HO3'" sing N N 91  
DG  "C2'" "C1'"  sing N N 92  
DG  "C2'" "H2'"  sing N N 93  
DG  "C2'" "H2''" sing N N 94  
DG  "C1'" N9     sing N N 95  
DG  "C1'" "H1'"  sing N N 96  
DG  N9    C8     sing Y N 97  
DG  N9    C4     sing Y N 98  
DG  C8    N7     doub Y N 99  
DG  C8    H8     sing N N 100 
DG  N7    C5     sing Y N 101 
DG  C5    C6     sing N N 102 
DG  C5    C4     doub Y N 103 
DG  C6    O6     doub N N 104 
DG  C6    N1     sing N N 105 
DG  N1    C2     sing N N 106 
DG  N1    H1     sing N N 107 
DG  C2    N2     sing N N 108 
DG  C2    N3     doub N N 109 
DG  N2    H21    sing N N 110 
DG  N2    H22    sing N N 111 
DG  N3    C4     sing N N 112 
DT  OP3   P      sing N N 113 
DT  OP3   HOP3   sing N N 114 
DT  P     OP1    doub N N 115 
DT  P     OP2    sing N N 116 
DT  P     "O5'"  sing N N 117 
DT  OP2   HOP2   sing N N 118 
DT  "O5'" "C5'"  sing N N 119 
DT  "C5'" "C4'"  sing N N 120 
DT  "C5'" "H5'"  sing N N 121 
DT  "C5'" "H5''" sing N N 122 
DT  "C4'" "O4'"  sing N N 123 
DT  "C4'" "C3'"  sing N N 124 
DT  "C4'" "H4'"  sing N N 125 
DT  "O4'" "C1'"  sing N N 126 
DT  "C3'" "O3'"  sing N N 127 
DT  "C3'" "C2'"  sing N N 128 
DT  "C3'" "H3'"  sing N N 129 
DT  "O3'" "HO3'" sing N N 130 
DT  "C2'" "C1'"  sing N N 131 
DT  "C2'" "H2'"  sing N N 132 
DT  "C2'" "H2''" sing N N 133 
DT  "C1'" N1     sing N N 134 
DT  "C1'" "H1'"  sing N N 135 
DT  N1    C2     sing N N 136 
DT  N1    C6     sing N N 137 
DT  C2    O2     doub N N 138 
DT  C2    N3     sing N N 139 
DT  N3    C4     sing N N 140 
DT  N3    H3     sing N N 141 
DT  C4    O4     doub N N 142 
DT  C4    C5     sing N N 143 
DT  C5    C7     sing N N 144 
DT  C5    C6     doub N N 145 
DT  C7    H71    sing N N 146 
DT  C7    H72    sing N N 147 
DT  C7    H73    sing N N 148 
DT  C6    H6     sing N N 149 
HOH O     H1     sing N N 150 
HOH O     H2     sing N N 151 
# 
loop_
_ndb_struct_conf_na.entry_id 
_ndb_struct_conf_na.feature 
1QPH 'double helix'        
1QPH 'a-form double helix' 
# 
loop_
_ndb_struct_na_base_pair.model_number 
_ndb_struct_na_base_pair.i_label_asym_id 
_ndb_struct_na_base_pair.i_label_comp_id 
_ndb_struct_na_base_pair.i_label_seq_id 
_ndb_struct_na_base_pair.i_symmetry 
_ndb_struct_na_base_pair.j_label_asym_id 
_ndb_struct_na_base_pair.j_label_comp_id 
_ndb_struct_na_base_pair.j_label_seq_id 
_ndb_struct_na_base_pair.j_symmetry 
_ndb_struct_na_base_pair.shear 
_ndb_struct_na_base_pair.stretch 
_ndb_struct_na_base_pair.stagger 
_ndb_struct_na_base_pair.buckle 
_ndb_struct_na_base_pair.propeller 
_ndb_struct_na_base_pair.opening 
_ndb_struct_na_base_pair.pair_number 
_ndb_struct_na_base_pair.pair_name 
_ndb_struct_na_base_pair.i_auth_asym_id 
_ndb_struct_na_base_pair.i_auth_seq_id 
_ndb_struct_na_base_pair.i_PDB_ins_code 
_ndb_struct_na_base_pair.j_auth_asym_id 
_ndb_struct_na_base_pair.j_auth_seq_id 
_ndb_struct_na_base_pair.j_PDB_ins_code 
_ndb_struct_na_base_pair.hbond_type_28 
_ndb_struct_na_base_pair.hbond_type_12 
1 A DG 1  1_555 A DC 12 12_565 -0.462 -0.116 -0.599 -7.036  -1.625  1.770  1  A_DG1:DC12_A A 1  ? A 12 ? 19 1 
1 A DA 2  1_555 A DT 11 12_565 -0.373 -0.173 0.067  3.303   -17.355 -0.108 2  A_DA2:DT11_A A 2  ? A 11 ? 20 1 
1 A DC 3  1_555 A DG 10 12_565 -0.199 -0.145 0.189  0.433   -7.983  3.253  3  A_DC3:DG10_A A 3  ? A 10 ? 19 1 
1 A DC 4  1_555 A DG 9  12_565 0.203  -0.098 -0.172 4.512   -13.124 9.135  4  A_DC4:DG9_A  A 4  ? A 9  ? 19 1 
1 A DA 5  1_555 A DT 8  12_565 0.136  -0.070 -0.183 1.718   -12.832 4.756  5  A_DA5:DT8_A  A 5  ? A 8  ? 20 1 
1 A DC 6  1_555 A DG 7  12_565 0.128  0.008  -0.452 15.374  -12.089 6.783  6  A_DC6:DG7_A  A 6  ? A 7  ? 19 1 
1 A DG 7  1_555 A DC 6  12_565 -0.128 0.008  -0.452 -15.374 -12.089 6.783  7  A_DG7:DC6_A  A 7  ? A 6  ? 19 1 
1 A DT 8  1_555 A DA 5  12_565 -0.136 -0.070 -0.183 -1.718  -12.832 4.756  8  A_DT8:DA5_A  A 8  ? A 5  ? 20 1 
1 A DG 9  1_555 A DC 4  12_565 -0.203 -0.098 -0.172 -4.512  -13.124 9.135  9  A_DG9:DC4_A  A 9  ? A 4  ? 19 1 
1 A DG 10 1_555 A DC 3  12_565 0.199  -0.145 0.189  -0.433  -7.983  3.253  10 A_DG10:DC3_A A 10 ? A 3  ? 19 1 
1 A DT 11 1_555 A DA 2  12_565 0.373  -0.173 0.067  -3.303  -17.355 -0.108 11 A_DT11:DA2_A A 11 ? A 2  ? 20 1 
1 A DC 12 1_555 A DG 1  12_565 0.462  -0.116 -0.599 7.036   -1.625  1.770  12 A_DC12:DG1_A A 12 ? A 1  ? 19 1 
# 
loop_
_ndb_struct_na_base_pair_step.model_number 
_ndb_struct_na_base_pair_step.i_label_asym_id_1 
_ndb_struct_na_base_pair_step.i_label_comp_id_1 
_ndb_struct_na_base_pair_step.i_label_seq_id_1 
_ndb_struct_na_base_pair_step.i_symmetry_1 
_ndb_struct_na_base_pair_step.j_label_asym_id_1 
_ndb_struct_na_base_pair_step.j_label_comp_id_1 
_ndb_struct_na_base_pair_step.j_label_seq_id_1 
_ndb_struct_na_base_pair_step.j_symmetry_1 
_ndb_struct_na_base_pair_step.i_label_asym_id_2 
_ndb_struct_na_base_pair_step.i_label_comp_id_2 
_ndb_struct_na_base_pair_step.i_label_seq_id_2 
_ndb_struct_na_base_pair_step.i_symmetry_2 
_ndb_struct_na_base_pair_step.j_label_asym_id_2 
_ndb_struct_na_base_pair_step.j_label_comp_id_2 
_ndb_struct_na_base_pair_step.j_label_seq_id_2 
_ndb_struct_na_base_pair_step.j_symmetry_2 
_ndb_struct_na_base_pair_step.shift 
_ndb_struct_na_base_pair_step.slide 
_ndb_struct_na_base_pair_step.rise 
_ndb_struct_na_base_pair_step.tilt 
_ndb_struct_na_base_pair_step.roll 
_ndb_struct_na_base_pair_step.twist 
_ndb_struct_na_base_pair_step.x_displacement 
_ndb_struct_na_base_pair_step.y_displacement 
_ndb_struct_na_base_pair_step.helical_rise 
_ndb_struct_na_base_pair_step.inclination 
_ndb_struct_na_base_pair_step.tip 
_ndb_struct_na_base_pair_step.helical_twist 
_ndb_struct_na_base_pair_step.step_number 
_ndb_struct_na_base_pair_step.step_name 
_ndb_struct_na_base_pair_step.i_auth_asym_id_1 
_ndb_struct_na_base_pair_step.i_auth_seq_id_1 
_ndb_struct_na_base_pair_step.i_PDB_ins_code_1 
_ndb_struct_na_base_pair_step.j_auth_asym_id_1 
_ndb_struct_na_base_pair_step.j_auth_seq_id_1 
_ndb_struct_na_base_pair_step.j_PDB_ins_code_1 
_ndb_struct_na_base_pair_step.i_auth_asym_id_2 
_ndb_struct_na_base_pair_step.i_auth_seq_id_2 
_ndb_struct_na_base_pair_step.i_PDB_ins_code_2 
_ndb_struct_na_base_pair_step.j_auth_asym_id_2 
_ndb_struct_na_base_pair_step.j_auth_seq_id_2 
_ndb_struct_na_base_pair_step.j_PDB_ins_code_2 
1 A DG 1  1_555 A DC 12 12_565 A DA 2  1_555 A DT 11 12_565 -0.054 -0.864 3.297 -5.802 -1.687 30.420 -1.285 -1.035 3.292 -3.175 
10.922  31.000 1  AA_DG1DA2:DT11DC12_AA A 1  ? A 12 ? A 2  ? A 11 ? 
1 A DA 2  1_555 A DT 11 12_565 A DC 3  1_555 A DG 10 12_565 0.585  -1.259 3.372 -0.572 4.158  35.070 -2.695 -1.050 3.197 6.869  
0.946   35.313 2  AA_DA2DC3:DG10DT11_AA A 2  ? A 11 ? A 3  ? A 10 ? 
1 A DC 3  1_555 A DG 10 12_565 A DC 4  1_555 A DG 9  12_565 -0.303 -1.433 3.073 2.566  8.193  31.601 -3.793 0.929  2.598 14.708 
-4.606  32.718 3  AA_DC3DC4:DG9DG10_AA  A 3  ? A 10 ? A 4  ? A 9  ? 
1 A DC 4  1_555 A DG 9  12_565 A DA 5  1_555 A DT 8  12_565 -0.330 -1.051 3.496 -1.407 8.622  29.425 -3.733 0.339  3.084 16.522 
2.696   30.667 4  AA_DC4DA5:DT8DG9_AA   A 4  ? A 9  ? A 5  ? A 8  ? 
1 A DA 5  1_555 A DT 8  12_565 A DC 6  1_555 A DG 7  12_565 0.085  -0.864 3.028 0.816  7.280  32.826 -2.564 -0.027 2.779 12.685 
-1.422  33.612 5  AA_DA5DC6:DG7DT8_AA   A 5  ? A 8  ? A 6  ? A 7  ? 
1 A DC 6  1_555 A DG 7  12_565 A DG 7  1_555 A DC 6  12_565 0.000  -1.703 4.060 0.000  27.131 25.174 -6.510 0.000  1.566 47.912 
0.000   36.850 6  AA_DC6DG7:DC6DG7_AA   A 6  ? A 7  ? A 7  ? A 6  ? 
1 A DG 7  1_555 A DC 6  12_565 A DT 8  1_555 A DA 5  12_565 -0.085 -0.864 3.028 -0.816 7.280  32.826 -2.564 0.027  2.779 12.685 
1.422   33.612 7  AA_DG7DT8:DA5DC6_AA   A 7  ? A 6  ? A 8  ? A 5  ? 
1 A DT 8  1_555 A DA 5  12_565 A DG 9  1_555 A DC 4  12_565 0.330  -1.051 3.496 1.407  8.622  29.425 -3.733 -0.339 3.084 16.522 
-2.696  30.667 8  AA_DT8DG9:DC4DA5_AA   A 8  ? A 5  ? A 9  ? A 4  ? 
1 A DG 9  1_555 A DC 4  12_565 A DG 10 1_555 A DC 3  12_565 0.303  -1.433 3.073 -2.566 8.193  31.601 -3.793 -0.929 2.598 14.708 
4.606   32.718 9  AA_DG9DG10:DC3DC4_AA  A 9  ? A 4  ? A 10 ? A 3  ? 
1 A DG 10 1_555 A DC 3  12_565 A DT 11 1_555 A DA 2  12_565 -0.585 -1.259 3.372 0.572  4.158  35.070 -2.695 1.050  3.197 6.869  
-0.946  35.313 10 AA_DG10DT11:DA2DC3_AA A 10 ? A 3  ? A 11 ? A 2  ? 
1 A DT 11 1_555 A DA 2  12_565 A DC 12 1_555 A DG 1  12_565 0.054  -0.864 3.297 5.802  -1.687 30.420 -1.285 1.035  3.292 -3.175 
-10.922 31.000 11 AA_DT11DC12:DG1DA2_AA A 11 ? A 2  ? A 12 ? A 1  ? 
# 
_pdbx_initial_refinement_model.accession_code   116D 
_pdbx_initial_refinement_model.id               1 
_pdbx_initial_refinement_model.entity_id_list   ? 
_pdbx_initial_refinement_model.type             'experimental model' 
_pdbx_initial_refinement_model.source_name      PDB 
_pdbx_initial_refinement_model.details          'NDB ID ADL045' 
# 
_atom_sites.entry_id                    1QPH 
_atom_sites.fract_transf_matrix[1][1]   -0.00928416 
_atom_sites.fract_transf_matrix[1][2]   -0.00261141 
_atom_sites.fract_transf_matrix[1][3]   0.02299912 
_atom_sites.fract_transf_matrix[2][1]   -0.01602393 
_atom_sites.fract_transf_matrix[2][2]   -0.01845679 
_atom_sites.fract_transf_matrix[2][3]   0.00495822 
_atom_sites.fract_transf_matrix[3][1]   0.01052360 
_atom_sites.fract_transf_matrix[3][2]   -0.00824678 
_atom_sites.fract_transf_matrix[3][3]   0.00331174 
_atom_sites.fract_transf_vector[1]      0.251419 
_atom_sites.fract_transf_vector[2]      0.592851 
_atom_sites.fract_transf_vector[3]      0.061308 
# 
loop_
_atom_type.symbol 
C 
N 
O 
P 
# 
loop_
_atom_site.group_PDB 
_atom_site.id 
_atom_site.type_symbol 
_atom_site.label_atom_id 
_atom_site.label_alt_id 
_atom_site.label_comp_id 
_atom_site.label_asym_id 
_atom_site.label_entity_id 
_atom_site.label_seq_id 
_atom_site.pdbx_PDB_ins_code 
_atom_site.Cartn_x 
_atom_site.Cartn_y 
_atom_site.Cartn_z 
_atom_site.occupancy 
_atom_site.B_iso_or_equiv 
_atom_site.pdbx_formal_charge 
_atom_site.auth_seq_id 
_atom_site.auth_comp_id 
_atom_site.auth_asym_id 
_atom_site.auth_atom_id 
_atom_site.pdbx_PDB_model_num 
ATOM   1   O OP3   . DG  A 1 1  ? -13.103 -16.192 1.011   1.00 56.18 ? 1  DG  A OP3   1 
ATOM   2   P P     . DG  A 1 1  ? -12.487 -16.426 2.489   1.00 55.53 ? 1  DG  A P     1 
ATOM   3   O OP1   . DG  A 1 1  ? -13.292 -17.457 3.238   1.00 57.54 ? 1  DG  A OP1   1 
ATOM   4   O OP2   . DG  A 1 1  ? -12.294 -15.059 3.101   1.00 56.29 ? 1  DG  A OP2   1 
ATOM   5   O "O5'" . DG  A 1 1  ? -11.067 -17.079 2.129   1.00 54.53 ? 1  DG  A "O5'" 1 
ATOM   6   C "C5'" . DG  A 1 1  ? -9.978  -16.264 1.624   1.00 48.76 ? 1  DG  A "C5'" 1 
ATOM   7   C "C4'" . DG  A 1 1  ? -9.332  -15.519 2.770   1.00 43.92 ? 1  DG  A "C4'" 1 
ATOM   8   O "O4'" . DG  A 1 1  ? -8.120  -16.182 3.221   1.00 39.65 ? 1  DG  A "O4'" 1 
ATOM   9   C "C3'" . DG  A 1 1  ? -8.954  -14.075 2.457   1.00 43.00 ? 1  DG  A "C3'" 1 
ATOM   10  O "O3'" . DG  A 1 1  ? -9.372  -13.221 3.525   1.00 44.44 ? 1  DG  A "O3'" 1 
ATOM   11  C "C2'" . DG  A 1 1  ? -7.445  -14.110 2.321   1.00 40.02 ? 1  DG  A "C2'" 1 
ATOM   12  C "C1'" . DG  A 1 1  ? -7.004  -15.308 3.154   1.00 36.46 ? 1  DG  A "C1'" 1 
ATOM   13  N N9    . DG  A 1 1  ? -5.951  -15.989 2.411   1.00 31.74 ? 1  DG  A N9    1 
ATOM   14  C C8    . DG  A 1 1  ? -5.973  -16.261 1.068   1.00 29.31 ? 1  DG  A C8    1 
ATOM   15  N N7    . DG  A 1 1  ? -4.851  -16.752 0.626   1.00 27.70 ? 1  DG  A N7    1 
ATOM   16  C C5    . DG  A 1 1  ? -4.048  -16.837 1.749   1.00 26.10 ? 1  DG  A C5    1 
ATOM   17  C C6    . DG  A 1 1  ? -2.727  -17.262 1.871   1.00 24.35 ? 1  DG  A C6    1 
ATOM   18  O O6    . DG  A 1 1  ? -1.965  -17.634 0.987   1.00 25.13 ? 1  DG  A O6    1 
ATOM   19  N N1    . DG  A 1 1  ? -2.293  -17.216 3.189   1.00 22.76 ? 1  DG  A N1    1 
ATOM   20  C C2    . DG  A 1 1  ? -3.051  -16.807 4.251   1.00 23.87 ? 1  DG  A C2    1 
ATOM   21  N N2    . DG  A 1 1  ? -2.461  -16.875 5.450   1.00 21.64 ? 1  DG  A N2    1 
ATOM   22  N N3    . DG  A 1 1  ? -4.293  -16.373 4.145   1.00 25.97 ? 1  DG  A N3    1 
ATOM   23  C C4    . DG  A 1 1  ? -4.726  -16.411 2.871   1.00 28.18 ? 1  DG  A C4    1 
ATOM   24  P P     . DA  A 1 2  ? -8.815  -11.716 3.611   1.00 45.05 ? 2  DA  A P     1 
ATOM   25  O OP1   . DA  A 1 2  ? -9.974  -10.819 3.947   1.00 44.79 ? 2  DA  A OP1   1 
ATOM   26  O OP2   . DA  A 1 2  ? -7.957  -11.401 2.409   1.00 43.29 ? 2  DA  A OP2   1 
ATOM   27  O "O5'" . DA  A 1 2  ? -7.843  -11.817 4.870   1.00 41.75 ? 2  DA  A "O5'" 1 
ATOM   28  C "C5'" . DA  A 1 2  ? -6.714  -10.948 4.975   1.00 35.62 ? 2  DA  A "C5'" 1 
ATOM   29  C "C4'" . DA  A 1 2  ? -5.705  -11.509 5.946   1.00 30.01 ? 2  DA  A "C4'" 1 
ATOM   30  O "O4'" . DA  A 1 2  ? -5.286  -12.824 5.525   1.00 27.32 ? 2  DA  A "O4'" 1 
ATOM   31  C "C3'" . DA  A 1 2  ? -4.434  -10.684 5.943   1.00 27.98 ? 2  DA  A "C3'" 1 
ATOM   32  O "O3'" . DA  A 1 2  ? -4.546  -9.560  6.794   1.00 28.11 ? 2  DA  A "O3'" 1 
ATOM   33  C "C2'" . DA  A 1 2  ? -3.384  -11.679 6.376   1.00 25.38 ? 2  DA  A "C2'" 1 
ATOM   34  C "C1'" . DA  A 1 2  ? -3.875  -12.951 5.698   1.00 24.06 ? 2  DA  A "C1'" 1 
ATOM   35  N N9    . DA  A 1 2  ? -3.278  -13.121 4.374   1.00 20.24 ? 2  DA  A N9    1 
ATOM   36  C C8    . DA  A 1 2  ? -3.837  -12.870 3.149   1.00 18.80 ? 2  DA  A C8    1 
ATOM   37  N N7    . DA  A 1 2  ? -3.043  -13.143 2.143   1.00 18.45 ? 2  DA  A N7    1 
ATOM   38  C C5    . DA  A 1 2  ? -1.881  -13.599 2.749   1.00 16.56 ? 2  DA  A C5    1 
ATOM   39  C C6    . DA  A 1 2  ? -0.658  -14.048 2.234   1.00 15.84 ? 2  DA  A C6    1 
ATOM   40  N N6    . DA  A 1 2  ? -0.383  -14.126 0.929   1.00 16.40 ? 2  DA  A N6    1 
ATOM   41  N N1    . DA  A 1 2  ? 0.293   -14.421 3.113   1.00 15.63 ? 2  DA  A N1    1 
ATOM   42  C C2    . DA  A 1 2  ? 0.026   -14.346 4.410   1.00 16.28 ? 2  DA  A C2    1 
ATOM   43  N N3    . DA  A 1 2  ? -1.079  -13.945 5.016   1.00 18.43 ? 2  DA  A N3    1 
ATOM   44  C C4    . DA  A 1 2  ? -2.008  -13.581 4.120   1.00 17.57 ? 2  DA  A C4    1 
ATOM   45  P P     . DC  A 1 3  ? -3.958  -8.157  6.300   1.00 28.20 ? 3  DC  A P     1 
ATOM   46  O OP1   . DC  A 1 3  ? -4.431  -7.120  7.228   1.00 28.99 ? 3  DC  A OP1   1 
ATOM   47  O OP2   . DC  A 1 3  ? -4.229  -8.034  4.842   1.00 27.43 ? 3  DC  A OP2   1 
ATOM   48  O "O5'" . DC  A 1 3  ? -2.396  -8.317  6.548   1.00 27.55 ? 3  DC  A "O5'" 1 
ATOM   49  C "C5'" . DC  A 1 3  ? -1.900  -8.716  7.835   1.00 23.80 ? 3  DC  A "C5'" 1 
ATOM   50  C "C4'" . DC  A 1 3  ? -0.482  -9.216  7.712   1.00 23.33 ? 3  DC  A "C4'" 1 
ATOM   51  O "O4'" . DC  A 1 3  ? -0.453  -10.382 6.869   1.00 23.17 ? 3  DC  A "O4'" 1 
ATOM   52  C "C3'" . DC  A 1 3  ? 0.491   -8.259  7.046   1.00 23.78 ? 3  DC  A "C3'" 1 
ATOM   53  O "O3'" . DC  A 1 3  ? 1.039   -7.342  7.977   1.00 24.75 ? 3  DC  A "O3'" 1 
ATOM   54  C "C2'" . DC  A 1 3  ? 1.564   -9.190  6.528   1.00 23.33 ? 3  DC  A "C2'" 1 
ATOM   55  C "C1'" . DC  A 1 3  ? 0.780   -10.425 6.157   1.00 21.80 ? 3  DC  A "C1'" 1 
ATOM   56  N N1    . DC  A 1 3  ? 0.480   -10.492 4.727   1.00 19.39 ? 3  DC  A N1    1 
ATOM   57  C C2    . DC  A 1 3  ? 1.483   -10.926 3.868   1.00 18.68 ? 3  DC  A C2    1 
ATOM   58  O O2    . DC  A 1 3  ? 2.599   -11.194 4.339   1.00 19.23 ? 3  DC  A O2    1 
ATOM   59  N N3    . DC  A 1 3  ? 1.216   -11.035 2.543   1.00 19.12 ? 3  DC  A N3    1 
ATOM   60  C C4    . DC  A 1 3  ? 0.006   -10.719 2.079   1.00 17.86 ? 3  DC  A C4    1 
ATOM   61  N N4    . DC  A 1 3  ? -0.215  -10.869 0.773   1.00 14.32 ? 3  DC  A N4    1 
ATOM   62  C C5    . DC  A 1 3  ? -1.028  -10.246 2.937   1.00 17.98 ? 3  DC  A C5    1 
ATOM   63  C C6    . DC  A 1 3  ? -0.751  -10.151 4.243   1.00 17.93 ? 3  DC  A C6    1 
ATOM   64  P P     . DC  A 1 4  ? 1.734   -6.007  7.435   1.00 25.50 ? 4  DC  A P     1 
ATOM   65  O OP1   . DC  A 1 4  ? 2.176   -5.297  8.643   1.00 28.51 ? 4  DC  A OP1   1 
ATOM   66  O OP2   . DC  A 1 4  ? 0.773   -5.361  6.515   1.00 25.90 ? 4  DC  A OP2   1 
ATOM   67  O "O5'" . DC  A 1 4  ? 3.020   -6.502  6.620   1.00 24.31 ? 4  DC  A "O5'" 1 
ATOM   68  C "C5'" . DC  A 1 4  ? 4.180   -7.013  7.317   1.00 22.08 ? 4  DC  A "C5'" 1 
ATOM   69  C "C4'" . DC  A 1 4  ? 5.315   -7.290  6.359   1.00 20.59 ? 4  DC  A "C4'" 1 
ATOM   70  O "O4'" . DC  A 1 4  ? 5.022   -8.418  5.512   1.00 19.25 ? 4  DC  A "O4'" 1 
ATOM   71  C "C3'" . DC  A 1 4  ? 5.655   -6.172  5.387   1.00 22.55 ? 4  DC  A "C3'" 1 
ATOM   72  O "O3'" . DC  A 1 4  ? 6.509   -5.192  5.954   1.00 27.11 ? 4  DC  A "O3'" 1 
ATOM   73  C "C2'" . DC  A 1 4  ? 6.358   -6.901  4.264   1.00 19.04 ? 4  DC  A "C2'" 1 
ATOM   74  C "C1'" . DC  A 1 4  ? 5.616   -8.223  4.223   1.00 16.68 ? 4  DC  A "C1'" 1 
ATOM   75  N N1    . DC  A 1 4  ? 4.545   -8.198  3.219   1.00 14.35 ? 4  DC  A N1    1 
ATOM   76  C C2    . DC  A 1 4  ? 4.826   -8.669  1.949   1.00 12.57 ? 4  DC  A C2    1 
ATOM   77  O O2    . DC  A 1 4  ? 5.965   -9.043  1.701   1.00 11.92 ? 4  DC  A O2    1 
ATOM   78  N N3    . DC  A 1 4  ? 3.850   -8.695  1.020   1.00 10.58 ? 4  DC  A N3    1 
ATOM   79  C C4    . DC  A 1 4  ? 2.633   -8.265  1.326   1.00 8.50  ? 4  DC  A C4    1 
ATOM   80  N N4    . DC  A 1 4  ? 1.698   -8.359  0.399   1.00 9.62  ? 4  DC  A N4    1 
ATOM   81  C C5    . DC  A 1 4  ? 2.322   -7.736  2.604   1.00 11.07 ? 4  DC  A C5    1 
ATOM   82  C C6    . DC  A 1 4  ? 3.297   -7.724  3.517   1.00 11.67 ? 4  DC  A C6    1 
ATOM   83  P P     . DA  A 1 5  ? 6.550   -3.735  5.301   1.00 29.32 ? 5  DA  A P     1 
ATOM   84  O OP1   . DA  A 1 5  ? 7.215   -2.854  6.276   1.00 30.13 ? 5  DA  A OP1   1 
ATOM   85  O OP2   . DA  A 1 5  ? 5.187   -3.419  4.814   1.00 29.62 ? 5  DA  A OP2   1 
ATOM   86  O "O5'" . DA  A 1 5  ? 7.466   -3.917  4.021   1.00 28.04 ? 5  DA  A "O5'" 1 
ATOM   87  C "C5'" . DA  A 1 5  ? 8.774   -4.467  4.135   1.00 27.11 ? 5  DA  A "C5'" 1 
ATOM   88  C "C4'" . DA  A 1 5  ? 9.324   -4.760  2.761   1.00 25.83 ? 5  DA  A "C4'" 1 
ATOM   89  O "O4'" . DA  A 1 5  ? 8.568   -5.819  2.138   1.00 25.15 ? 5  DA  A "O4'" 1 
ATOM   90  C "C3'" . DA  A 1 5  ? 9.210   -3.602  1.789   1.00 25.81 ? 5  DA  A "C3'" 1 
ATOM   91  O "O3'" . DA  A 1 5  ? 10.280  -2.684  1.934   1.00 27.46 ? 5  DA  A "O3'" 1 
ATOM   92  C "C2'" . DA  A 1 5  ? 9.223   -4.296  0.442   1.00 24.90 ? 5  DA  A "C2'" 1 
ATOM   93  C "C1'" . DA  A 1 5  ? 8.475   -5.588  0.737   1.00 22.73 ? 5  DA  A "C1'" 1 
ATOM   94  N N9    . DA  A 1 5  ? 7.061   -5.517  0.395   1.00 18.51 ? 5  DA  A N9    1 
ATOM   95  C C8    . DA  A 1 5  ? 6.011   -5.141  1.192   1.00 16.90 ? 5  DA  A C8    1 
ATOM   96  N N7    . DA  A 1 5  ? 4.850   -5.207  0.596   1.00 15.39 ? 5  DA  A N7    1 
ATOM   97  C C5    . DA  A 1 5  ? 5.156   -5.651  -0.681  1.00 15.54 ? 5  DA  A C5    1 
ATOM   98  C C6    . DA  A 1 5  ? 4.363   -5.926  -1.795  1.00 14.37 ? 5  DA  A C6    1 
ATOM   99  N N6    . DA  A 1 5  ? 3.047   -5.803  -1.809  1.00 15.33 ? 5  DA  A N6    1 
ATOM   100 N N1    . DA  A 1 5  ? 4.981   -6.341  -2.916  1.00 16.72 ? 5  DA  A N1    1 
ATOM   101 C C2    . DA  A 1 5  ? 6.316   -6.475  -2.907  1.00 15.18 ? 5  DA  A C2    1 
ATOM   102 N N3    . DA  A 1 5  ? 7.169   -6.251  -1.917  1.00 16.81 ? 5  DA  A N3    1 
ATOM   103 C C4    . DA  A 1 5  ? 6.516   -5.835  -0.819  1.00 16.73 ? 5  DA  A C4    1 
ATOM   104 P P     . DC  A 1 6  ? 10.095  -1.197  1.379   1.00 28.47 ? 6  DC  A P     1 
ATOM   105 O OP1   . DC  A 1 6  ? 11.310  -0.421  1.735   1.00 30.67 ? 6  DC  A OP1   1 
ATOM   106 O OP2   . DC  A 1 6  ? 8.754   -0.714  1.814   1.00 29.32 ? 6  DC  A OP2   1 
ATOM   107 O "O5'" . DC  A 1 6  ? 10.074  -1.382  -0.203  1.00 28.14 ? 6  DC  A "O5'" 1 
ATOM   108 C "C5'" . DC  A 1 6  ? 11.293  -1.565  -0.939  1.00 26.17 ? 6  DC  A "C5'" 1 
ATOM   109 C "C4'" . DC  A 1 6  ? 10.998  -1.561  -2.420  1.00 25.77 ? 6  DC  A "C4'" 1 
ATOM   110 O "O4'" . DC  A 1 6  ? 10.172  -2.702  -2.727  1.00 24.15 ? 6  DC  A "O4'" 1 
ATOM   111 C "C3'" . DC  A 1 6  ? 10.181  -0.370  -2.909  1.00 25.97 ? 6  DC  A "C3'" 1 
ATOM   112 O "O3'" . DC  A 1 6  ? 10.978  0.789   -3.184  1.00 26.44 ? 6  DC  A "O3'" 1 
ATOM   113 C "C2'" . DC  A 1 6  ? 9.522   -0.926  -4.153  1.00 24.26 ? 6  DC  A "C2'" 1 
ATOM   114 C "C1'" . DC  A 1 6  ? 9.239   -2.364  -3.745  1.00 22.98 ? 6  DC  A "C1'" 1 
ATOM   115 N N1    . DC  A 1 6  ? 7.886   -2.495  -3.187  1.00 22.32 ? 6  DC  A N1    1 
ATOM   116 C C2    . DC  A 1 6  ? 6.873   -2.997  -4.004  1.00 22.67 ? 6  DC  A C2    1 
ATOM   117 O O2    . DC  A 1 6  ? 7.169   -3.404  -5.141  1.00 23.31 ? 6  DC  A O2    1 
ATOM   118 N N3    . DC  A 1 6  ? 5.604   -3.029  -3.540  1.00 20.72 ? 6  DC  A N3    1 
ATOM   119 C C4    . DC  A 1 6  ? 5.335   -2.592  -2.311  1.00 20.08 ? 6  DC  A C4    1 
ATOM   120 N N4    . DC  A 1 6  ? 4.065   -2.598  -1.916  1.00 19.85 ? 6  DC  A N4    1 
ATOM   121 C C5    . DC  A 1 6  ? 6.354   -2.120  -1.437  1.00 19.45 ? 6  DC  A C5    1 
ATOM   122 C C6    . DC  A 1 6  ? 7.606   -2.094  -1.909  1.00 22.11 ? 6  DC  A C6    1 
ATOM   123 P P     . DG  A 1 7  ? 10.297  2.248   -3.152  1.00 27.11 ? 7  DG  A P     1 
ATOM   124 O OP1   . DG  A 1 7  ? 11.359  3.242   -3.423  1.00 28.91 ? 7  DG  A OP1   1 
ATOM   125 O OP2   . DG  A 1 7  ? 9.475   2.379   -1.930  1.00 27.68 ? 7  DG  A OP2   1 
ATOM   126 O "O5'" . DG  A 1 7  ? 9.319   2.254   -4.407  1.00 25.81 ? 7  DG  A "O5'" 1 
ATOM   127 C "C5'" . DG  A 1 7  ? 9.851   2.224   -5.729  1.00 22.01 ? 7  DG  A "C5'" 1 
ATOM   128 C "C4'" . DG  A 1 7  ? 8.741   2.193   -6.751  1.00 20.77 ? 7  DG  A "C4'" 1 
ATOM   129 O "O4'" . DG  A 1 7  ? 7.990   0.970   -6.638  1.00 20.25 ? 7  DG  A "O4'" 1 
ATOM   130 C "C3'" . DG  A 1 7  ? 7.695   3.293   -6.679  1.00 20.71 ? 7  DG  A "C3'" 1 
ATOM   131 O "O3'" . DG  A 1 7  ? 8.131   4.471   -7.350  1.00 22.92 ? 7  DG  A "O3'" 1 
ATOM   132 C "C2'" . DG  A 1 7  ? 6.529   2.668   -7.413  1.00 20.01 ? 7  DG  A "C2'" 1 
ATOM   133 C "C1'" . DG  A 1 7  ? 6.653   1.193   -7.052  1.00 18.43 ? 7  DG  A "C1'" 1 
ATOM   134 N N9    . DG  A 1 7  ? 5.769   0.828   -5.954  1.00 16.84 ? 7  DG  A N9    1 
ATOM   135 C C8    . DG  A 1 7  ? 6.089   0.648   -4.633  1.00 14.74 ? 7  DG  A C8    1 
ATOM   136 N N7    . DG  A 1 7  ? 5.052   0.368   -3.896  1.00 14.30 ? 7  DG  A N7    1 
ATOM   137 C C5    . DG  A 1 7  ? 3.992   0.348   -4.788  1.00 14.08 ? 7  DG  A C5    1 
ATOM   138 C C6    . DG  A 1 7  ? 2.606   0.111   -4.576  1.00 14.68 ? 7  DG  A C6    1 
ATOM   139 O O6    . DG  A 1 7  ? 2.022   -0.181  -3.525  1.00 16.70 ? 7  DG  A O6    1 
ATOM   140 N N1    . DG  A 1 7  ? 1.881   0.232   -5.759  1.00 14.19 ? 7  DG  A N1    1 
ATOM   141 C C2    . DG  A 1 7  ? 2.421   0.519   -6.988  1.00 14.41 ? 7  DG  A C2    1 
ATOM   142 N N2    . DG  A 1 7  ? 1.567   0.608   -8.016  1.00 12.58 ? 7  DG  A N2    1 
ATOM   143 N N3    . DG  A 1 7  ? 3.706   0.711   -7.199  1.00 13.96 ? 7  DG  A N3    1 
ATOM   144 C C4    . DG  A 1 7  ? 4.425   0.623   -6.061  1.00 15.59 ? 7  DG  A C4    1 
ATOM   145 P P     . DT  A 1 8  ? 7.657   5.907   -6.812  1.00 25.22 ? 8  DT  A P     1 
ATOM   146 O OP1   . DT  A 1 8  ? 8.613   6.889   -7.360  1.00 28.09 ? 8  DT  A OP1   1 
ATOM   147 O OP2   . DT  A 1 8  ? 7.448   5.824   -5.351  1.00 28.68 ? 8  DT  A OP2   1 
ATOM   148 O "O5'" . DT  A 1 8  ? 6.228   6.141   -7.475  1.00 25.93 ? 8  DT  A "O5'" 1 
ATOM   149 C "C5'" . DT  A 1 8  ? 6.084   6.196   -8.903  1.00 26.29 ? 8  DT  A "C5'" 1 
ATOM   150 C "C4'" . DT  A 1 8  ? 4.632   6.053   -9.289  1.00 26.78 ? 8  DT  A "C4'" 1 
ATOM   151 O "O4'" . DT  A 1 8  ? 4.120   4.765   -8.874  1.00 27.35 ? 8  DT  A "O4'" 1 
ATOM   152 C "C3'" . DT  A 1 8  ? 3.707   7.054   -8.628  1.00 26.79 ? 8  DT  A "C3'" 1 
ATOM   153 O "O3'" . DT  A 1 8  ? 3.675   8.287   -9.333  1.00 29.01 ? 8  DT  A "O3'" 1 
ATOM   154 C "C2'" . DT  A 1 8  ? 2.370   6.351   -8.676  1.00 25.23 ? 8  DT  A "C2'" 1 
ATOM   155 C "C1'" . DT  A 1 8  ? 2.753   4.891   -8.490  1.00 24.69 ? 8  DT  A "C1'" 1 
ATOM   156 N N1    . DT  A 1 8  ? 2.621   4.447   -7.090  1.00 22.39 ? 8  DT  A N1    1 
ATOM   157 C C2    . DT  A 1 8  ? 1.395   3.965   -6.700  1.00 20.95 ? 8  DT  A C2    1 
ATOM   158 O O2    . DT  A 1 8  ? 0.438   3.899   -7.451  1.00 20.68 ? 8  DT  A O2    1 
ATOM   159 N N3    . DT  A 1 8  ? 1.325   3.567   -5.393  1.00 19.30 ? 8  DT  A N3    1 
ATOM   160 C C4    . DT  A 1 8  ? 2.330   3.615   -4.450  1.00 19.78 ? 8  DT  A C4    1 
ATOM   161 O O4    . DT  A 1 8  ? 2.116   3.220   -3.309  1.00 20.03 ? 8  DT  A O4    1 
ATOM   162 C C5    . DT  A 1 8  ? 3.587   4.143   -4.924  1.00 20.61 ? 8  DT  A C5    1 
ATOM   163 C C7    . DT  A 1 8  ? 4.736   4.248   -3.971  1.00 19.65 ? 8  DT  A C7    1 
ATOM   164 C C6    . DT  A 1 8  ? 3.670   4.521   -6.206  1.00 21.13 ? 8  DT  A C6    1 
ATOM   165 P P     . DG  A 1 9  ? 3.228   9.621   -8.557  1.00 30.64 ? 9  DG  A P     1 
ATOM   166 O OP1   . DG  A 1 9  ? 3.323   10.717  -9.546  1.00 31.75 ? 9  DG  A OP1   1 
ATOM   167 O OP2   . DG  A 1 9  ? 3.988   9.705   -7.279  1.00 30.32 ? 9  DG  A OP2   1 
ATOM   168 O "O5'" . DG  A 1 9  ? 1.689   9.384   -8.236  1.00 29.10 ? 9  DG  A "O5'" 1 
ATOM   169 C "C5'" . DG  A 1 9  ? 0.736   9.431   -9.303  1.00 28.68 ? 9  DG  A "C5'" 1 
ATOM   170 C "C4'" . DG  A 1 9  ? -0.643  9.069   -8.809  1.00 26.45 ? 9  DG  A "C4'" 1 
ATOM   171 O "O4'" . DG  A 1 9  ? -0.651  7.744   -8.239  1.00 24.53 ? 9  DG  A "O4'" 1 
ATOM   172 C "C3'" . DG  A 1 9  ? -1.200  9.955   -7.716  1.00 26.71 ? 9  DG  A "C3'" 1 
ATOM   173 O "O3'" . DG  A 1 9  ? -1.779  11.141  -8.255  1.00 29.51 ? 9  DG  A "O3'" 1 
ATOM   174 C "C2'" . DG  A 1 9  ? -2.248  9.060   -7.087  1.00 25.93 ? 9  DG  A "C2'" 1 
ATOM   175 C "C1'" . DG  A 1 9  ? -1.623  7.676   -7.204  1.00 23.59 ? 9  DG  A "C1'" 1 
ATOM   176 N N9    . DG  A 1 9  ? -0.948  7.287   -5.976  1.00 21.14 ? 9  DG  A N9    1 
ATOM   177 C C8    . DG  A 1 9  ? 0.364   7.488   -5.638  1.00 19.38 ? 9  DG  A C8    1 
ATOM   178 N N7    . DG  A 1 9  ? 0.657   7.040   -4.449  1.00 18.46 ? 9  DG  A N7    1 
ATOM   179 C C5    . DG  A 1 9  ? -0.537  6.507   -3.982  1.00 18.33 ? 9  DG  A C5    1 
ATOM   180 C C6    . DG  A 1 9  ? -0.848  5.879   -2.748  1.00 18.29 ? 9  DG  A C6    1 
ATOM   181 O O6    . DG  A 1 9  ? -0.102  5.655   -1.781  1.00 18.77 ? 9  DG  A O6    1 
ATOM   182 N N1    . DG  A 1 9  ? -2.181  5.495   -2.698  1.00 17.10 ? 9  DG  A N1    1 
ATOM   183 C C2    . DG  A 1 9  ? -3.091  5.693   -3.697  1.00 18.24 ? 9  DG  A C2    1 
ATOM   184 N N2    . DG  A 1 9  ? -4.321  5.259   -3.464  1.00 18.71 ? 9  DG  A N2    1 
ATOM   185 N N3    . DG  A 1 9  ? -2.816  6.275   -4.841  1.00 18.39 ? 9  DG  A N3    1 
ATOM   186 C C4    . DG  A 1 9  ? -1.532  6.652   -4.917  1.00 18.81 ? 9  DG  A C4    1 
ATOM   187 P P     . DG  A 1 10 ? -1.874  12.452  -7.335  1.00 30.87 ? 10 DG  A P     1 
ATOM   188 O OP1   . DG  A 1 10 ? -2.455  13.533  -8.172  1.00 30.97 ? 10 DG  A OP1   1 
ATOM   189 O OP2   . DG  A 1 10 ? -0.543  12.642  -6.692  1.00 31.42 ? 10 DG  A OP2   1 
ATOM   190 O "O5'" . DG  A 1 10 ? -2.906  12.059  -6.182  1.00 28.60 ? 10 DG  A "O5'" 1 
ATOM   191 C "C5'" . DG  A 1 10 ? -4.290  11.848  -6.496  1.00 26.40 ? 10 DG  A "C5'" 1 
ATOM   192 C "C4'" . DG  A 1 10 ? -5.019  11.232  -5.326  1.00 23.48 ? 10 DG  A "C4'" 1 
ATOM   193 O "O4'" . DG  A 1 10 ? -4.398  9.993   -4.946  1.00 22.78 ? 10 DG  A "O4'" 1 
ATOM   194 C "C3'" . DG  A 1 10 ? -5.072  12.033  -4.036  1.00 23.36 ? 10 DG  A "C3'" 1 
ATOM   195 O "O3'" . DG  A 1 10 ? -6.134  12.981  -4.096  1.00 24.17 ? 10 DG  A "O3'" 1 
ATOM   196 C "C2'" . DG  A 1 10 ? -5.386  10.958  -3.015  1.00 23.30 ? 10 DG  A "C2'" 1 
ATOM   197 C "C1'" . DG  A 1 10 ? -4.718  9.714   -3.589  1.00 20.90 ? 10 DG  A "C1'" 1 
ATOM   198 N N9    . DG  A 1 10 ? -3.490  9.362   -2.891  1.00 19.23 ? 10 DG  A N9    1 
ATOM   199 C C8    . DG  A 1 10 ? -2.205  9.667   -3.259  1.00 17.01 ? 10 DG  A C8    1 
ATOM   200 N N7    . DG  A 1 10 ? -1.320  9.267   -2.386  1.00 18.15 ? 10 DG  A N7    1 
ATOM   201 C C5    . DG  A 1 10 ? -2.068  8.647   -1.393  1.00 18.66 ? 10 DG  A C5    1 
ATOM   202 C C6    . DG  A 1 10 ? -1.661  8.031   -0.186  1.00 18.37 ? 10 DG  A C6    1 
ATOM   203 O O6    . DG  A 1 10 ? -0.519  7.900   0.267   1.00 21.19 ? 10 DG  A O6    1 
ATOM   204 N N1    . DG  A 1 10 ? -2.749  7.540   0.525   1.00 17.80 ? 10 DG  A N1    1 
ATOM   205 C C2    . DG  A 1 10 ? -4.057  7.620   0.124   1.00 18.02 ? 10 DG  A C2    1 
ATOM   206 N N2    . DG  A 1 10 ? -4.962  7.070   0.936   1.00 18.13 ? 10 DG  A N2    1 
ATOM   207 N N3    . DG  A 1 10 ? -4.447  8.192   -0.993  1.00 19.95 ? 10 DG  A N3    1 
ATOM   208 C C4    . DG  A 1 10 ? -3.407  8.684   -1.698  1.00 19.24 ? 10 DG  A C4    1 
ATOM   209 P P     . DT  A 1 11 ? -6.339  14.019  -2.897  1.00 22.83 ? 11 DT  A P     1 
ATOM   210 O OP1   . DT  A 1 11 ? -7.407  14.947  -3.311  1.00 23.66 ? 11 DT  A OP1   1 
ATOM   211 O OP2   . DT  A 1 11 ? -5.023  14.544  -2.470  1.00 23.73 ? 11 DT  A OP2   1 
ATOM   212 O "O5'" . DT  A 1 11 ? -6.875  13.132  -1.697  1.00 22.53 ? 11 DT  A "O5'" 1 
ATOM   213 C "C5'" . DT  A 1 11 ? -8.263  12.823  -1.548  1.00 19.57 ? 11 DT  A "C5'" 1 
ATOM   214 C "C4'" . DT  A 1 11 ? -8.474  12.113  -0.231  1.00 18.66 ? 11 DT  A "C4'" 1 
ATOM   215 O "O4'" . DT  A 1 11 ? -7.597  10.963  -0.180  1.00 17.58 ? 11 DT  A "O4'" 1 
ATOM   216 C "C3'" . DT  A 1 11 ? -8.086  12.922  1.000   1.00 20.35 ? 11 DT  A "C3'" 1 
ATOM   217 O "O3'" . DT  A 1 11 ? -9.131  13.780  1.446   1.00 22.46 ? 11 DT  A "O3'" 1 
ATOM   218 C "C2'" . DT  A 1 11 ? -7.780  11.842  2.012   1.00 19.06 ? 11 DT  A "C2'" 1 
ATOM   219 C "C1'" . DT  A 1 11 ? -7.143  10.759  1.156   1.00 16.50 ? 11 DT  A "C1'" 1 
ATOM   220 N N1    . DT  A 1 11 ? -5.671  10.856  1.173   1.00 16.27 ? 11 DT  A N1    1 
ATOM   221 C C2    . DT  A 1 11 ? -5.013  10.262  2.222   1.00 16.39 ? 11 DT  A C2    1 
ATOM   222 O O2    . DT  A 1 11 ? -5.586  9.666   3.110   1.00 18.31 ? 11 DT  A O2    1 
ATOM   223 N N3    . DT  A 1 11 ? -3.653  10.402  2.204   1.00 15.70 ? 11 DT  A N3    1 
ATOM   224 C C4    . DT  A 1 11 ? -2.898  11.066  1.266   1.00 15.44 ? 11 DT  A C4    1 
ATOM   225 O O4    . DT  A 1 11 ? -1.679  11.110  1.388   1.00 18.94 ? 11 DT  A O4    1 
ATOM   226 C C5    . DT  A 1 11 ? -3.645  11.669  0.192   1.00 13.99 ? 11 DT  A C5    1 
ATOM   227 C C7    . DT  A 1 11 ? -2.907  12.430  -0.860  1.00 12.17 ? 11 DT  A C7    1 
ATOM   228 C C6    . DT  A 1 11 ? -4.978  11.529  0.190   1.00 15.17 ? 11 DT  A C6    1 
ATOM   229 P P     . DC  A 1 12 ? -8.761  15.186  2.116   1.00 21.57 ? 12 DC  A P     1 
ATOM   230 O OP1   . DC  A 1 12 ? -9.959  16.059  2.010   1.00 23.05 ? 12 DC  A OP1   1 
ATOM   231 O OP2   . DC  A 1 12 ? -7.469  15.632  1.551   1.00 21.57 ? 12 DC  A OP2   1 
ATOM   232 O "O5'" . DC  A 1 12 ? -8.548  14.846  3.649   1.00 21.89 ? 12 DC  A "O5'" 1 
ATOM   233 C "C5'" . DC  A 1 12 ? -9.593  14.232  4.418   1.00 20.92 ? 12 DC  A "C5'" 1 
ATOM   234 C "C4'" . DC  A 1 12 ? -9.016  13.632  5.676   1.00 20.35 ? 12 DC  A "C4'" 1 
ATOM   235 O "O4'" . DC  A 1 12 ? -8.032  12.645  5.313   1.00 19.69 ? 12 DC  A "O4'" 1 
ATOM   236 C "C3'" . DC  A 1 12 ? -8.270  14.612  6.569   1.00 19.60 ? 12 DC  A "C3'" 1 
ATOM   237 O "O3'" . DC  A 1 12 ? -9.155  15.459  7.305   1.00 20.21 ? 12 DC  A "O3'" 1 
ATOM   238 C "C2'" . DC  A 1 12 ? -7.285  13.724  7.295   1.00 20.10 ? 12 DC  A "C2'" 1 
ATOM   239 C "C1'" . DC  A 1 12 ? -6.959  12.658  6.245   1.00 18.97 ? 12 DC  A "C1'" 1 
ATOM   240 N N1    . DC  A 1 12 ? -5.711  12.895  5.498   1.00 17.76 ? 12 DC  A N1    1 
ATOM   241 C C2    . DC  A 1 12 ? -4.555  12.316  5.960   1.00 17.63 ? 12 DC  A C2    1 
ATOM   242 O O2    . DC  A 1 12 ? -4.614  11.606  6.963   1.00 20.08 ? 12 DC  A O2    1 
ATOM   243 N N3    . DC  A 1 12 ? -3.395  12.541  5.309   1.00 17.58 ? 12 DC  A N3    1 
ATOM   244 C C4    . DC  A 1 12 ? -3.378  13.315  4.228   1.00 15.83 ? 12 DC  A C4    1 
ATOM   245 N N4    . DC  A 1 12 ? -2.211  13.516  3.617   1.00 14.65 ? 12 DC  A N4    1 
ATOM   246 C C5    . DC  A 1 12 ? -4.554  13.914  3.723   1.00 16.13 ? 12 DC  A C5    1 
ATOM   247 C C6    . DC  A 1 12 ? -5.691  13.676  4.378   1.00 17.05 ? 12 DC  A C6    1 
HETATM 248 O O     . HOH B 2 .  ? 5.009   14.429  -7.037  1.00 56.29 ? 25 HOH A O     1 
HETATM 249 O O     . HOH B 2 .  ? 3.066   7.811   -3.524  1.00 44.47 ? 27 HOH A O     1 
HETATM 250 O O     . HOH B 2 .  ? 0.855   11.735  0.605   1.00 43.23 ? 29 HOH A O     1 
HETATM 251 O O     . HOH B 2 .  ? 2.878   16.255  0.756   1.00 46.46 ? 30 HOH A O     1 
HETATM 252 O O     . HOH B 2 .  ? -1.154  16.545  -1.019  1.00 51.68 ? 31 HOH A O     1 
HETATM 253 O O     . HOH B 2 .  ? -2.363  15.222  1.604   1.00 16.48 ? 32 HOH A O     1 
HETATM 254 O O     . HOH B 2 .  ? 5.664   15.056  2.769   1.00 71.94 ? 33 HOH A O     1 
HETATM 255 O O     . HOH B 2 .  ? 4.824   0.948   -1.232  1.00 47.03 ? 35 HOH A O     1 
HETATM 256 O O     . HOH B 2 .  ? 3.202   -1.856  1.146   1.00 47.12 ? 36 HOH A O     1 
HETATM 257 O O     . HOH B 2 .  ? 2.959   -4.571  1.344   1.00 46.80 ? 37 HOH A O     1 
HETATM 258 O O     . HOH B 2 .  ? 3.203   -3.130  4.058   1.00 42.46 ? 38 HOH A O     1 
HETATM 259 O O     . HOH B 2 .  ? -0.916  -7.080  -0.242  1.00 43.55 ? 39 HOH A O     1 
HETATM 260 O O     . HOH B 2 .  ? -3.087  -9.788  -1.014  1.00 30.85 ? 41 HOH A O     1 
HETATM 261 O O     . HOH B 2 .  ? -10.506 -7.571  -1.552  1.00 67.00 ? 42 HOH A O     1 
HETATM 262 O O     . HOH B 2 .  ? -3.628  -12.226 -0.275  1.00 58.69 ? 43 HOH A O     1 
HETATM 263 O O     . HOH B 2 .  ? -2.732  -13.470 -1.479  1.00 62.74 ? 44 HOH A O     1 
HETATM 264 O O     . HOH B 2 .  ? 0.558   -4.078  -1.173  1.00 71.01 ? 45 HOH A O     1 
HETATM 265 O O     . HOH B 2 .  ? 4.251   -14.581 7.159   0.5  21.12 ? 46 HOH A O     1 
HETATM 266 O O     . HOH B 2 .  ? -10.833 16.303  -0.882  1.00 38.29 ? 47 HOH A O     1 
HETATM 267 O O     . HOH B 2 .  ? -9.879  -17.026 6.092   1.00 44.10 ? 48 HOH A O     1 
HETATM 268 O O     . HOH B 2 .  ? -11.874 20.120  7.688   1.00 46.52 ? 49 HOH A O     1 
HETATM 269 O O     . HOH B 2 .  ? -5.773  -11.015 9.615   1.00 43.03 ? 50 HOH A O     1 
HETATM 270 O O     . HOH B 2 .  ? 5.935   10.946  3.088   1.00 48.45 ? 52 HOH A O     1 
HETATM 271 O O     . HOH B 2 .  ? 2.157   10.645  -3.146  1.00 54.96 ? 54 HOH A O     1 
HETATM 272 O O     . HOH B 2 .  ? 0.430   13.017  -2.790  1.00 61.46 ? 56 HOH A O     1 
HETATM 273 O O     . HOH B 2 .  ? -4.665  15.243  0.169   1.00 24.89 ? 58 HOH A O     1 
HETATM 274 O O     . HOH B 2 .  ? 5.965   15.250  7.337   1.00 57.83 ? 59 HOH A O     1 
HETATM 275 O O     . HOH B 2 .  ? 5.762   2.674   -1.006  1.00 58.22 ? 61 HOH A O     1 
HETATM 276 O O     . HOH B 2 .  ? 5.658   -1.338  2.221   1.00 39.54 ? 62 HOH A O     1 
HETATM 277 O O     . HOH B 2 .  ? 2.730   4.165   -0.477  1.00 41.46 ? 63 HOH A O     1 
HETATM 278 O O     . HOH B 2 .  ? 4.454   2.228   7.191   1.00 59.54 ? 64 HOH A O     1 
HETATM 279 O O     . HOH B 2 .  ? -2.187  -10.398 -5.276  1.00 61.39 ? 66 HOH A O     1 
HETATM 280 O O     . HOH B 2 .  ? 7.018   -12.196 5.123   1.00 33.69 ? 71 HOH A O     1 
HETATM 281 O O     . HOH B 2 .  ? 1.396   10.742  -12.348 1.00 59.12 ? 77 HOH A O     1 
HETATM 282 O O     . HOH B 2 .  ? -10.177 17.395  6.857   1.00 32.01 ? 79 HOH A O     1 
HETATM 283 O O     . HOH B 2 .  ? -7.897  18.000  -1.559  1.00 52.90 ? 80 HOH A O     1 
HETATM 284 O O     . HOH B 2 .  ? 13.743  2.144   4.712   1.00 59.23 ? 81 HOH A O     1 
HETATM 285 O O     . HOH B 2 .  ? 3.755   -2.647  8.108   1.00 51.88 ? 86 HOH A O     1 
HETATM 286 O O     . HOH B 2 .  ? -8.979  -16.721 -1.381  1.00 46.84 ? 87 HOH A O     1 
HETATM 287 O O     . HOH B 2 .  ? -2.254  15.125  -2.857  1.00 42.97 ? 88 HOH A O     1 
HETATM 288 O O     . HOH B 2 .  ? 4.647   -11.418 6.890   1.00 43.70 ? 89 HOH A O     1 
HETATM 289 O O     . HOH B 2 .  ? 8.943   -4.631  -6.924  1.00 54.05 ? 91 HOH A O     1 
HETATM 290 O O     . HOH B 2 .  ? -14.158 -18.478 5.490   1.00 44.49 ? 92 HOH A O     1 
HETATM 291 O O     . HOH B 2 .  ? -16.272 -20.592 5.735   1.00 35.57 ? 94 HOH A O     1 
HETATM 292 O O     . HOH B 2 .  ? 9.322   -9.268  3.924   1.00 48.18 ? 96 HOH A O     1 
# 
